data_2V5X
#
_entry.id   2V5X
#
_cell.length_a   84.298
_cell.length_b   98.694
_cell.length_c   110.474
_cell.angle_alpha   90.00
_cell.angle_beta   90.00
_cell.angle_gamma   90.00
#
_symmetry.space_group_name_H-M   'P 21 21 21'
#
loop_
_entity.id
_entity.type
_entity.pdbx_description
1 polymer 'HISTONE DEACETYLASE 8'
2 non-polymer 'ZINC ION'
3 non-polymer 'POTASSIUM ION'
4 non-polymer (2R)-N~8~-HYDROXY-2-{[(5-METHOXY-2-METHYL-1H-INDOL-3-YL)ACETYL]AMINO}-N~1~-[2-(2-PHENYL-1H-INDOL-3-YL)ETHYL]OCTANEDIAMIDE
5 water water
#
_entity_poly.entity_id   1
_entity_poly.type   'polypeptide(L)'
_entity_poly.pdbx_seq_one_letter_code
;MEEPEEPADSGQSLVPVYIYSPEYVSMCDSLAKIPKRADMVHSLIEAYALHKQMRIVKPKVASMEEMATFHTDAYLQHLQ
KVSQEGDDDHPDSIEYGLGYDCPATEGIFDYAAAIGGATITAAQCLIDGMCKVAINWSGGWHHAKKDEASGFCYLNDAVL
GILRLRRKFERILYVDLDLHHGDGVEDAFSFTSKVMTVSLHKFSPGFFPGTGDVSDVGLGKGRYYSVNVPIQDGIQDEKY
YQICESVLKEVYQAFNPKAVVLQLGADTIAGDPMCSFNMTPVGIGKCLKYILQWQLATLILGGGGYNLANTARCWTYLTG
VILGKTLSSEIPDHEFFTAYGPDYVLEITPSCRPDRNEPHRIQQILNYIKGNLKHVVIEGRSHHHHHH
;
_entity_poly.pdbx_strand_id   A,B
#
# COMPACT_ATOMS: atom_id res chain seq x y z
N LEU A 14 -9.42 -11.49 -38.14
CA LEU A 14 -10.65 -11.82 -37.38
C LEU A 14 -11.13 -10.65 -36.51
N VAL A 15 -10.18 -10.00 -35.83
CA VAL A 15 -10.40 -8.82 -34.97
C VAL A 15 -10.79 -9.17 -33.52
N PRO A 16 -10.34 -8.37 -32.57
CA PRO A 16 -10.50 -8.71 -31.15
C PRO A 16 -11.88 -8.39 -30.57
N VAL A 17 -12.35 -9.30 -29.71
CA VAL A 17 -13.51 -9.08 -28.88
C VAL A 17 -13.10 -8.21 -27.69
N TYR A 18 -13.94 -7.22 -27.42
CA TYR A 18 -13.76 -6.30 -26.32
C TYR A 18 -15.00 -6.48 -25.45
N ILE A 19 -14.82 -7.03 -24.25
CA ILE A 19 -15.94 -7.27 -23.36
C ILE A 19 -16.25 -5.96 -22.71
N TYR A 20 -17.51 -5.54 -22.84
CA TYR A 20 -17.93 -4.22 -22.43
C TYR A 20 -19.46 -4.02 -22.51
N SER A 21 -20.00 -3.39 -21.48
CA SER A 21 -21.30 -2.73 -21.54
C SER A 21 -21.25 -1.61 -20.51
N PRO A 22 -22.08 -0.57 -20.66
CA PRO A 22 -22.15 0.49 -19.63
C PRO A 22 -22.50 -0.02 -18.23
N GLU A 23 -23.35 -1.04 -18.15
CA GLU A 23 -23.77 -1.64 -16.88
C GLU A 23 -22.58 -2.36 -16.27
N TYR A 24 -21.89 -3.18 -17.04
CA TYR A 24 -20.65 -3.81 -16.59
C TYR A 24 -19.66 -2.77 -16.01
N VAL A 25 -19.34 -1.74 -16.77
CA VAL A 25 -18.38 -0.72 -16.29
C VAL A 25 -18.80 -0.08 -14.96
N SER A 26 -20.08 0.30 -14.79
CA SER A 26 -20.57 0.91 -13.52
C SER A 26 -20.38 -0.03 -12.35
N MET A 27 -20.73 -1.28 -12.57
CA MET A 27 -20.52 -2.34 -11.61
C MET A 27 -19.08 -2.39 -11.15
N CYS A 28 -18.14 -2.46 -12.10
CA CYS A 28 -16.71 -2.54 -11.79
C CYS A 28 -16.14 -1.26 -11.16
N ASP A 29 -16.86 -0.15 -11.29
CA ASP A 29 -16.43 1.15 -10.75
C ASP A 29 -16.58 1.27 -9.24
N SER A 30 -17.36 0.37 -8.63
CA SER A 30 -17.63 0.43 -7.18
C SER A 30 -16.44 0.07 -6.28
N LEU A 31 -15.55 -0.85 -6.72
CA LEU A 31 -14.45 -1.33 -5.86
C LEU A 31 -13.60 -0.17 -5.31
N ALA A 32 -13.59 -0.04 -3.98
CA ALA A 32 -12.95 1.09 -3.30
C ALA A 32 -11.45 1.19 -3.54
N LYS A 33 -10.79 0.08 -3.80
CA LYS A 33 -9.35 0.09 -4.09
C LYS A 33 -9.03 0.74 -5.45
N ILE A 34 -9.99 0.78 -6.37
CA ILE A 34 -9.76 1.32 -7.71
C ILE A 34 -11.01 2.00 -8.26
N PRO A 35 -11.52 3.02 -7.56
CA PRO A 35 -12.78 3.70 -7.95
C PRO A 35 -12.73 4.41 -9.31
N LYS A 36 -13.75 4.19 -10.11
CA LYS A 36 -13.87 4.70 -11.46
C LYS A 36 -12.76 4.24 -12.42
N ARG A 37 -11.89 3.34 -11.99
CA ARG A 37 -10.80 2.95 -12.88
C ARG A 37 -11.34 2.30 -14.18
N ALA A 38 -12.36 1.47 -14.06
CA ALA A 38 -12.94 0.83 -15.25
C ALA A 38 -13.45 1.85 -16.26
N ASP A 39 -14.16 2.86 -15.75
CA ASP A 39 -14.65 3.98 -16.56
C ASP A 39 -13.48 4.74 -17.23
N MET A 40 -12.43 5.00 -16.48
CA MET A 40 -11.29 5.74 -17.00
C MET A 40 -10.64 4.92 -18.11
N VAL A 41 -10.51 3.61 -17.87
CA VAL A 41 -9.87 2.73 -18.84
C VAL A 41 -10.70 2.72 -20.14
N HIS A 42 -11.99 2.43 -20.02
CA HIS A 42 -12.86 2.39 -21.18
C HIS A 42 -12.99 3.74 -21.87
N SER A 43 -13.00 4.84 -21.12
CA SER A 43 -13.26 6.14 -21.73
C SER A 43 -12.06 6.55 -22.60
N LEU A 44 -10.86 6.17 -22.16
CA LEU A 44 -9.63 6.49 -22.90
C LEU A 44 -9.50 5.69 -24.20
N ILE A 45 -9.76 4.39 -24.11
CA ILE A 45 -9.84 3.51 -25.28
C ILE A 45 -10.87 4.05 -26.26
N GLU A 46 -12.02 4.49 -25.73
CA GLU A 46 -13.11 5.07 -26.52
C GLU A 46 -12.63 6.36 -27.24
N ALA A 47 -11.93 7.23 -26.51
CA ALA A 47 -11.43 8.49 -27.01
C ALA A 47 -10.40 8.35 -28.12
N TYR A 48 -9.60 7.28 -28.10
CA TYR A 48 -8.67 6.95 -29.19
C TYR A 48 -9.39 6.15 -30.28
N ALA A 49 -10.72 6.04 -30.13
CA ALA A 49 -11.61 5.32 -31.05
C ALA A 49 -11.24 3.85 -31.32
N LEU A 50 -10.63 3.19 -30.34
CA LEU A 50 -10.15 1.82 -30.54
C LEU A 50 -11.29 0.80 -30.51
N HIS A 51 -12.37 1.10 -29.79
CA HIS A 51 -13.58 0.27 -29.80
C HIS A 51 -14.19 0.06 -31.17
N LYS A 52 -13.91 0.98 -32.09
CA LYS A 52 -14.46 0.92 -33.43
C LYS A 52 -13.78 -0.17 -34.22
N GLN A 53 -12.56 -0.53 -33.82
CA GLN A 53 -11.80 -1.58 -34.50
C GLN A 53 -11.92 -2.95 -33.83
N MET A 54 -12.89 -3.08 -32.93
CA MET A 54 -13.11 -4.28 -32.14
C MET A 54 -14.59 -4.71 -32.16
N ARG A 55 -14.82 -5.97 -31.83
CA ARG A 55 -16.18 -6.49 -31.69
C ARG A 55 -16.64 -6.41 -30.21
N ILE A 56 -17.42 -5.39 -29.90
CA ILE A 56 -17.99 -5.19 -28.58
C ILE A 56 -18.97 -6.33 -28.23
N VAL A 57 -18.72 -6.99 -27.09
CA VAL A 57 -19.58 -8.09 -26.58
C VAL A 57 -20.02 -7.80 -25.15
N LYS A 58 -21.34 -7.77 -24.93
CA LYS A 58 -21.94 -7.69 -23.58
C LYS A 58 -21.59 -8.96 -22.78
N PRO A 59 -21.09 -8.81 -21.55
CA PRO A 59 -20.81 -9.97 -20.71
C PRO A 59 -22.05 -10.58 -20.07
N LYS A 60 -22.14 -11.92 -20.07
CA LYS A 60 -23.10 -12.66 -19.24
C LYS A 60 -22.67 -12.58 -17.77
N VAL A 61 -23.63 -12.40 -16.86
CA VAL A 61 -23.37 -12.57 -15.43
C VAL A 61 -23.15 -14.07 -15.21
N ALA A 62 -22.18 -14.45 -14.39
CA ALA A 62 -21.85 -15.85 -14.14
C ALA A 62 -22.93 -16.53 -13.29
N SER A 63 -23.30 -17.75 -13.65
CA SER A 63 -24.20 -18.54 -12.82
C SER A 63 -23.45 -19.17 -11.65
N MET A 64 -24.21 -19.51 -10.61
CA MET A 64 -23.67 -20.23 -9.47
C MET A 64 -22.85 -21.45 -9.87
N GLU A 65 -23.35 -22.24 -10.81
CA GLU A 65 -22.66 -23.46 -11.22
C GLU A 65 -21.35 -23.13 -11.97
N GLU A 66 -21.38 -22.02 -12.70
CA GLU A 66 -20.19 -21.53 -13.38
C GLU A 66 -19.13 -21.12 -12.36
N MET A 67 -19.53 -20.33 -11.38
CA MET A 67 -18.65 -19.97 -10.27
C MET A 67 -18.20 -21.19 -9.47
N ALA A 68 -19.10 -22.16 -9.27
CA ALA A 68 -18.83 -23.38 -8.48
C ALA A 68 -17.85 -24.29 -9.14
N THR A 69 -17.57 -23.99 -10.39
CA THR A 69 -16.59 -24.76 -11.14
C THR A 69 -15.22 -24.64 -10.46
N PHE A 70 -15.01 -23.59 -9.67
CA PHE A 70 -13.80 -23.48 -8.82
C PHE A 70 -14.12 -23.25 -7.33
N HIS A 71 -15.02 -22.31 -7.06
CA HIS A 71 -15.32 -21.89 -5.70
C HIS A 71 -16.30 -22.84 -5.01
N THR A 72 -16.08 -23.10 -3.72
CA THR A 72 -16.98 -23.96 -2.95
C THR A 72 -18.32 -23.29 -2.80
N ASP A 73 -19.37 -24.11 -2.69
CA ASP A 73 -20.72 -23.59 -2.49
C ASP A 73 -20.87 -22.89 -1.17
N ALA A 74 -20.12 -23.30 -0.16
CA ALA A 74 -20.14 -22.59 1.14
C ALA A 74 -19.62 -21.16 1.04
N TYR A 75 -18.53 -20.98 0.30
CA TYR A 75 -17.97 -19.66 0.12
C TYR A 75 -18.90 -18.76 -0.67
N LEU A 76 -19.45 -19.29 -1.75
CA LEU A 76 -20.30 -18.52 -2.64
C LEU A 76 -21.56 -18.06 -1.92
N GLN A 77 -22.21 -18.99 -1.23
CA GLN A 77 -23.39 -18.68 -0.41
C GLN A 77 -23.09 -17.64 0.63
N HIS A 78 -22.00 -17.85 1.36
CA HIS A 78 -21.62 -16.85 2.36
C HIS A 78 -21.41 -15.49 1.70
N LEU A 79 -20.74 -15.46 0.55
CA LEU A 79 -20.45 -14.21 -0.16
C LEU A 79 -21.75 -13.49 -0.59
N GLN A 80 -22.71 -14.29 -1.04
CA GLN A 80 -24.01 -13.82 -1.48
C GLN A 80 -24.83 -13.26 -0.32
N LYS A 81 -24.77 -13.92 0.83
CA LYS A 81 -25.54 -13.54 2.01
C LYS A 81 -25.05 -12.20 2.57
N VAL A 82 -23.74 -12.10 2.77
CA VAL A 82 -23.12 -10.88 3.24
C VAL A 82 -23.20 -9.77 2.17
N SER A 83 -23.55 -10.13 0.93
CA SER A 83 -23.76 -9.14 -0.12
C SER A 83 -24.95 -8.23 0.21
N GLN A 84 -26.04 -8.83 0.70
CA GLN A 84 -27.19 -8.07 1.21
C GLN A 84 -26.69 -7.01 2.21
N GLU A 85 -26.73 -5.75 1.80
CA GLU A 85 -26.30 -4.62 2.65
C GLU A 85 -24.80 -4.64 2.96
N GLY A 86 -24.28 -3.52 3.48
CA GLY A 86 -22.89 -3.44 3.93
C GLY A 86 -22.64 -4.39 5.09
N ASP A 87 -21.38 -4.54 5.50
CA ASP A 87 -21.05 -5.50 6.56
C ASP A 87 -19.69 -5.26 7.26
N ASP A 88 -18.67 -6.09 6.95
CA ASP A 88 -17.39 -6.15 7.70
C ASP A 88 -17.53 -6.63 9.16
N ASP A 89 -18.74 -6.99 9.58
CA ASP A 89 -19.05 -7.33 10.98
C ASP A 89 -19.32 -8.81 11.20
N HIS A 90 -19.87 -9.48 10.19
CA HIS A 90 -20.29 -10.89 10.30
C HIS A 90 -19.19 -11.77 10.91
N PRO A 91 -19.56 -12.59 11.90
CA PRO A 91 -18.66 -13.56 12.54
C PRO A 91 -17.84 -14.51 11.64
N ASP A 92 -18.47 -15.04 10.58
CA ASP A 92 -17.83 -16.01 9.67
C ASP A 92 -17.02 -15.35 8.52
N SER A 93 -17.11 -14.02 8.39
CA SER A 93 -16.43 -13.31 7.31
C SER A 93 -14.92 -13.49 7.32
N ILE A 94 -14.29 -13.45 8.50
CA ILE A 94 -12.82 -13.51 8.60
C ILE A 94 -12.23 -14.81 8.02
N GLU A 95 -12.88 -15.94 8.26
CA GLU A 95 -12.39 -17.25 7.76
C GLU A 95 -12.58 -17.36 6.23
N TYR A 96 -13.53 -16.62 5.67
CA TYR A 96 -13.70 -16.60 4.23
C TYR A 96 -12.88 -15.50 3.54
N GLY A 97 -11.87 -14.96 4.24
CA GLY A 97 -10.96 -13.98 3.71
C GLY A 97 -11.52 -12.58 3.62
N LEU A 98 -12.78 -12.41 3.98
CA LEU A 98 -13.41 -11.10 4.01
C LEU A 98 -12.96 -10.34 5.26
N GLY A 99 -13.12 -9.03 5.25
CA GLY A 99 -12.47 -8.19 6.23
C GLY A 99 -11.64 -7.12 5.54
N TYR A 100 -10.46 -6.84 6.08
CA TYR A 100 -9.83 -5.54 5.84
C TYR A 100 -9.04 -5.45 4.52
N ASP A 101 -8.60 -6.58 3.95
CA ASP A 101 -8.10 -6.54 2.59
C ASP A 101 -9.26 -6.67 1.59
N CYS A 102 -10.20 -7.55 1.92
CA CYS A 102 -11.35 -7.81 1.07
C CYS A 102 -12.69 -7.54 1.79
N PRO A 103 -12.98 -6.26 2.05
CA PRO A 103 -14.17 -5.89 2.85
C PRO A 103 -15.44 -6.32 2.16
N ALA A 104 -16.44 -6.70 2.94
CA ALA A 104 -17.67 -7.26 2.39
C ALA A 104 -18.76 -6.21 2.21
N THR A 105 -18.56 -5.26 1.31
CA THR A 105 -19.52 -4.16 1.12
C THR A 105 -20.83 -4.62 0.44
N GLU A 106 -21.74 -3.67 0.24
CA GLU A 106 -23.05 -3.96 -0.36
C GLU A 106 -22.93 -4.21 -1.88
N GLY A 107 -23.34 -5.40 -2.32
CA GLY A 107 -23.34 -5.76 -3.72
C GLY A 107 -22.17 -6.63 -4.21
N ILE A 108 -21.11 -6.74 -3.41
CA ILE A 108 -19.86 -7.41 -3.82
C ILE A 108 -20.06 -8.69 -4.59
N PHE A 109 -21.05 -9.48 -4.19
CA PHE A 109 -21.32 -10.76 -4.83
C PHE A 109 -21.75 -10.57 -6.29
N ASP A 110 -22.62 -9.60 -6.53
CA ASP A 110 -23.04 -9.31 -7.91
C ASP A 110 -21.88 -8.73 -8.72
N TYR A 111 -21.07 -7.87 -8.12
CA TYR A 111 -19.81 -7.39 -8.70
C TYR A 111 -18.88 -8.56 -9.06
N ALA A 112 -18.78 -9.54 -8.18
CA ALA A 112 -17.90 -10.67 -8.42
C ALA A 112 -18.41 -11.51 -9.58
N ALA A 113 -19.72 -11.66 -9.65
CA ALA A 113 -20.36 -12.53 -10.62
C ALA A 113 -20.31 -11.89 -12.00
N ALA A 114 -20.31 -10.57 -12.03
CA ALA A 114 -20.16 -9.82 -13.27
C ALA A 114 -18.75 -10.01 -13.86
N ILE A 115 -17.73 -9.93 -13.03
CA ILE A 115 -16.36 -10.05 -13.51
C ILE A 115 -16.02 -11.47 -13.90
N GLY A 116 -16.41 -12.44 -13.08
CA GLY A 116 -16.30 -13.84 -13.44
C GLY A 116 -17.05 -14.15 -14.74
N GLY A 117 -18.28 -13.67 -14.82
CA GLY A 117 -19.07 -13.81 -16.03
C GLY A 117 -18.37 -13.20 -17.25
N ALA A 118 -17.74 -12.04 -17.08
CA ALA A 118 -17.11 -11.35 -18.19
C ALA A 118 -15.95 -12.16 -18.74
N THR A 119 -15.19 -12.79 -17.85
CA THR A 119 -14.01 -13.54 -18.25
C THR A 119 -14.40 -14.86 -18.89
N ILE A 120 -15.47 -15.45 -18.37
CA ILE A 120 -16.08 -16.63 -18.97
C ILE A 120 -16.59 -16.32 -20.38
N THR A 121 -17.28 -15.20 -20.54
CA THR A 121 -17.74 -14.77 -21.86
C THR A 121 -16.55 -14.62 -22.82
N ALA A 122 -15.49 -13.98 -22.36
CA ALA A 122 -14.30 -13.91 -23.18
C ALA A 122 -13.81 -15.29 -23.60
N ALA A 123 -13.65 -16.21 -22.66
CA ALA A 123 -13.19 -17.55 -22.98
C ALA A 123 -14.11 -18.24 -24.01
N GLN A 124 -15.41 -18.05 -23.88
CA GLN A 124 -16.37 -18.76 -24.74
C GLN A 124 -16.25 -18.27 -26.18
N CYS A 125 -16.11 -16.94 -26.32
CA CYS A 125 -15.81 -16.31 -27.59
C CYS A 125 -14.64 -17.02 -28.25
N LEU A 126 -13.56 -17.22 -27.51
CA LEU A 126 -12.35 -17.85 -28.02
C LEU A 126 -12.57 -19.31 -28.48
N ILE A 127 -13.38 -20.07 -27.75
CA ILE A 127 -13.62 -21.48 -28.07
C ILE A 127 -14.37 -21.59 -29.38
N ASP A 128 -15.35 -20.70 -29.53
CA ASP A 128 -16.24 -20.60 -30.68
C ASP A 128 -15.58 -20.10 -31.97
N GLY A 129 -14.28 -19.73 -31.92
CA GLY A 129 -13.55 -19.27 -33.10
C GLY A 129 -13.87 -17.83 -33.53
N MET A 130 -14.67 -17.15 -32.72
CA MET A 130 -15.12 -15.78 -33.02
C MET A 130 -13.99 -14.72 -32.96
N CYS A 131 -12.86 -15.08 -32.35
CA CYS A 131 -11.69 -14.20 -32.30
C CYS A 131 -10.45 -14.99 -31.93
N LYS A 132 -9.28 -14.37 -32.08
CA LYS A 132 -8.01 -14.92 -31.58
C LYS A 132 -7.61 -14.27 -30.25
N VAL A 133 -8.19 -13.10 -29.97
CA VAL A 133 -7.91 -12.31 -28.79
C VAL A 133 -9.21 -11.76 -28.25
N ALA A 134 -9.50 -12.01 -26.96
CA ALA A 134 -10.62 -11.39 -26.27
C ALA A 134 -10.13 -10.67 -25.00
N ILE A 135 -10.74 -9.52 -24.70
CA ILE A 135 -10.24 -8.61 -23.70
C ILE A 135 -11.26 -8.31 -22.61
N ASN A 136 -10.82 -8.46 -21.37
CA ASN A 136 -11.59 -8.05 -20.19
C ASN A 136 -10.61 -7.34 -19.21
N TRP A 137 -10.50 -6.03 -19.38
CA TRP A 137 -9.55 -5.24 -18.59
C TRP A 137 -9.92 -5.10 -17.11
N SER A 138 -11.16 -5.46 -16.78
CA SER A 138 -11.67 -5.43 -15.44
C SER A 138 -11.52 -6.78 -14.75
N GLY A 139 -11.10 -7.81 -15.49
CA GLY A 139 -10.75 -9.11 -14.91
C GLY A 139 -9.31 -9.16 -14.43
N GLY A 140 -8.83 -10.36 -14.05
CA GLY A 140 -7.46 -10.57 -13.58
C GLY A 140 -7.27 -10.66 -12.08
N TRP A 141 -8.31 -11.05 -11.34
CA TRP A 141 -8.22 -11.10 -9.86
C TRP A 141 -7.62 -12.40 -9.35
N HIS A 142 -6.32 -12.43 -9.30
CA HIS A 142 -5.60 -13.68 -9.35
C HIS A 142 -5.27 -14.34 -7.97
N HIS A 143 -5.58 -13.67 -6.86
CA HIS A 143 -5.34 -14.21 -5.52
C HIS A 143 -6.44 -15.05 -4.90
N ALA A 144 -7.68 -14.92 -5.37
CA ALA A 144 -8.80 -15.59 -4.73
C ALA A 144 -8.64 -17.10 -4.80
N LYS A 145 -8.92 -17.75 -3.68
CA LYS A 145 -8.78 -19.20 -3.57
C LYS A 145 -10.17 -19.79 -3.63
N LYS A 146 -10.24 -21.11 -3.67
CA LYS A 146 -11.53 -21.76 -3.86
C LYS A 146 -12.53 -21.38 -2.77
N ASP A 147 -12.04 -21.12 -1.56
CA ASP A 147 -12.91 -20.80 -0.45
C ASP A 147 -12.44 -19.60 0.34
N GLU A 148 -11.76 -18.67 -0.34
CA GLU A 148 -11.16 -17.56 0.36
C GLU A 148 -10.89 -16.37 -0.52
N ALA A 149 -11.49 -15.23 -0.17
CA ALA A 149 -11.07 -13.94 -0.71
C ALA A 149 -9.66 -13.62 -0.25
N SER A 150 -8.98 -12.79 -1.04
CA SER A 150 -7.58 -12.48 -0.84
C SER A 150 -7.13 -11.38 -1.82
N GLY A 151 -6.35 -10.43 -1.30
CA GLY A 151 -5.65 -9.46 -2.14
C GLY A 151 -6.55 -8.65 -3.07
N PHE A 152 -7.68 -8.26 -2.51
CA PHE A 152 -8.78 -7.54 -3.19
C PHE A 152 -9.58 -8.40 -4.15
N CYS A 153 -9.34 -9.72 -4.16
CA CYS A 153 -10.01 -10.67 -5.08
C CYS A 153 -11.07 -11.49 -4.36
N TYR A 154 -12.33 -11.25 -4.71
CA TYR A 154 -13.47 -11.96 -4.14
C TYR A 154 -13.74 -13.24 -4.89
N LEU A 155 -13.26 -13.30 -6.13
CA LEU A 155 -13.49 -14.41 -7.02
C LEU A 155 -12.34 -14.50 -7.99
N ASN A 156 -11.85 -15.70 -8.27
CA ASN A 156 -10.73 -15.84 -9.20
C ASN A 156 -11.22 -16.03 -10.66
N ASP A 157 -11.43 -14.93 -11.35
CA ASP A 157 -12.01 -14.96 -12.70
C ASP A 157 -11.01 -15.52 -13.72
N ALA A 158 -9.72 -15.36 -13.46
CA ALA A 158 -8.70 -15.98 -14.28
C ALA A 158 -8.89 -17.49 -14.24
N VAL A 159 -9.02 -18.08 -13.06
CA VAL A 159 -9.26 -19.53 -12.98
C VAL A 159 -10.58 -19.96 -13.71
N LEU A 160 -11.64 -19.18 -13.52
CA LEU A 160 -12.88 -19.50 -14.19
C LEU A 160 -12.67 -19.52 -15.73
N GLY A 161 -11.90 -18.55 -16.25
CA GLY A 161 -11.59 -18.46 -17.66
C GLY A 161 -10.82 -19.68 -18.16
N ILE A 162 -9.83 -20.10 -17.38
CA ILE A 162 -9.01 -21.24 -17.75
C ILE A 162 -9.86 -22.53 -17.76
N LEU A 163 -10.72 -22.69 -16.76
CA LEU A 163 -11.60 -23.86 -16.69
C LEU A 163 -12.64 -23.83 -17.84
N ARG A 164 -13.01 -22.64 -18.33
CA ARG A 164 -13.84 -22.57 -19.55
C ARG A 164 -13.04 -22.96 -20.79
N LEU A 165 -11.81 -22.46 -20.91
CA LEU A 165 -10.97 -22.79 -22.05
C LEU A 165 -10.69 -24.28 -22.09
N ARG A 166 -10.67 -24.91 -20.91
CA ARG A 166 -10.32 -26.30 -20.74
C ARG A 166 -11.28 -27.26 -21.47
N ARG A 167 -12.48 -26.76 -21.79
CA ARG A 167 -13.43 -27.47 -22.64
C ARG A 167 -12.95 -27.80 -24.03
N LYS A 168 -12.12 -26.92 -24.61
CA LYS A 168 -11.57 -27.16 -25.93
C LYS A 168 -10.09 -27.46 -25.88
N PHE A 169 -9.34 -26.76 -25.04
CA PHE A 169 -7.86 -26.81 -25.08
C PHE A 169 -7.24 -27.72 -24.02
N GLU A 170 -6.22 -28.46 -24.45
CA GLU A 170 -5.61 -29.55 -23.70
C GLU A 170 -4.38 -29.02 -22.94
N ARG A 171 -3.76 -27.98 -23.49
CA ARG A 171 -2.62 -27.31 -22.86
C ARG A 171 -2.85 -25.80 -22.88
N ILE A 172 -3.03 -25.23 -21.68
CA ILE A 172 -3.30 -23.79 -21.52
C ILE A 172 -2.16 -23.16 -20.73
N LEU A 173 -1.67 -22.04 -21.21
CA LEU A 173 -0.55 -21.34 -20.57
C LEU A 173 -1.12 -20.07 -19.93
N TYR A 174 -0.94 -19.94 -18.62
CA TYR A 174 -1.30 -18.74 -17.88
C TYR A 174 0.00 -17.94 -17.69
N VAL A 175 0.03 -16.70 -18.14
CA VAL A 175 1.20 -15.83 -17.97
C VAL A 175 0.72 -14.61 -17.20
N ASP A 176 1.42 -14.30 -16.12
CA ASP A 176 0.97 -13.31 -15.18
C ASP A 176 2.06 -12.25 -14.98
N LEU A 177 1.82 -11.03 -15.50
CA LEU A 177 2.80 -9.94 -15.50
C LEU A 177 2.43 -8.80 -14.57
N ASP A 178 1.42 -9.04 -13.74
CA ASP A 178 1.20 -8.26 -12.52
C ASP A 178 2.46 -8.20 -11.63
N LEU A 179 2.56 -7.12 -10.84
CA LEU A 179 3.59 -7.00 -9.84
C LEU A 179 3.58 -8.12 -8.79
N HIS A 180 2.38 -8.62 -8.48
CA HIS A 180 2.23 -9.67 -7.46
C HIS A 180 2.18 -11.07 -8.06
N HIS A 181 2.74 -12.04 -7.35
CA HIS A 181 2.61 -13.46 -7.67
C HIS A 181 1.18 -13.89 -7.94
N GLY A 182 0.97 -14.58 -9.07
CA GLY A 182 -0.35 -15.16 -9.33
C GLY A 182 -0.61 -16.42 -8.51
N ASP A 183 -0.66 -16.30 -7.18
CA ASP A 183 -0.70 -17.46 -6.30
C ASP A 183 -1.98 -18.27 -6.36
N GLY A 184 -3.13 -17.61 -6.42
CA GLY A 184 -4.42 -18.28 -6.50
C GLY A 184 -4.58 -19.16 -7.74
N VAL A 185 -4.11 -18.65 -8.88
CA VAL A 185 -4.20 -19.39 -10.13
C VAL A 185 -3.21 -20.54 -10.11
N GLU A 186 -1.99 -20.27 -9.68
CA GLU A 186 -0.98 -21.30 -9.52
C GLU A 186 -1.47 -22.46 -8.65
N ASP A 187 -1.99 -22.15 -7.46
CA ASP A 187 -2.42 -23.18 -6.53
C ASP A 187 -3.56 -24.02 -7.12
N ALA A 188 -4.49 -23.34 -7.78
CA ALA A 188 -5.63 -23.98 -8.42
C ALA A 188 -5.20 -25.07 -9.37
N PHE A 189 -4.10 -24.86 -10.05
CA PHE A 189 -3.62 -25.82 -11.04
C PHE A 189 -2.31 -26.52 -10.65
N SER A 190 -1.94 -26.49 -9.37
CA SER A 190 -0.59 -26.96 -8.98
C SER A 190 -0.37 -28.44 -9.25
N PHE A 191 -1.43 -29.22 -9.14
CA PHE A 191 -1.36 -30.69 -9.29
C PHE A 191 -1.53 -31.20 -10.73
N THR A 192 -1.87 -30.33 -11.67
CA THR A 192 -2.10 -30.75 -13.06
C THR A 192 -1.07 -30.21 -14.03
N SER A 193 -0.88 -30.94 -15.13
CA SER A 193 0.02 -30.58 -16.21
C SER A 193 -0.69 -30.07 -17.45
N LYS A 194 -2.02 -29.98 -17.39
CA LYS A 194 -2.84 -29.42 -18.47
C LYS A 194 -2.79 -27.89 -18.53
N VAL A 195 -2.44 -27.26 -17.40
CA VAL A 195 -2.27 -25.81 -17.33
C VAL A 195 -0.91 -25.45 -16.71
N MET A 196 -0.05 -24.78 -17.47
CA MET A 196 1.20 -24.25 -16.97
C MET A 196 1.05 -22.78 -16.59
N THR A 197 1.48 -22.44 -15.39
CA THR A 197 1.43 -21.06 -14.93
C THR A 197 2.82 -20.51 -14.91
N VAL A 198 2.96 -19.28 -15.39
CA VAL A 198 4.23 -18.57 -15.35
C VAL A 198 3.98 -17.21 -14.73
N SER A 199 4.65 -16.90 -13.64
CA SER A 199 4.50 -15.59 -13.03
C SER A 199 5.84 -14.89 -12.85
N LEU A 200 5.89 -13.64 -13.30
CA LEU A 200 6.96 -12.70 -13.06
C LEU A 200 6.44 -11.68 -12.04
N HIS A 201 7.12 -11.55 -10.91
CA HIS A 201 6.62 -10.69 -9.83
C HIS A 201 7.75 -10.31 -8.89
N LYS A 202 7.49 -9.28 -8.09
CA LYS A 202 8.34 -8.91 -6.99
C LYS A 202 8.27 -10.02 -5.94
N PHE A 203 9.43 -10.50 -5.53
CA PHE A 203 9.56 -11.50 -4.49
C PHE A 203 10.61 -10.94 -3.53
N SER A 204 10.16 -10.55 -2.36
CA SER A 204 11.00 -10.01 -1.31
C SER A 204 10.29 -10.31 0.02
N PRO A 205 10.92 -11.02 0.94
CA PRO A 205 10.24 -11.33 2.20
C PRO A 205 9.62 -10.09 2.85
N GLY A 206 8.31 -10.15 3.13
CA GLY A 206 7.53 -8.99 3.54
C GLY A 206 6.53 -8.52 2.48
N PHE A 207 6.75 -8.91 1.23
CA PHE A 207 5.94 -8.42 0.13
C PHE A 207 4.90 -9.43 -0.28
N PHE A 208 3.65 -8.98 -0.31
CA PHE A 208 2.47 -9.80 -0.60
C PHE A 208 2.54 -10.52 -1.98
N PRO A 209 2.16 -11.80 -2.06
CA PRO A 209 1.71 -12.65 -0.94
C PRO A 209 2.81 -13.54 -0.30
N GLY A 210 4.08 -13.28 -0.58
CA GLY A 210 5.14 -14.02 0.08
C GLY A 210 5.47 -15.36 -0.57
N THR A 211 4.84 -15.64 -1.71
CA THR A 211 4.97 -16.90 -2.41
C THR A 211 5.55 -16.66 -3.83
N GLY A 212 5.98 -17.73 -4.45
CA GLY A 212 6.52 -17.67 -5.80
C GLY A 212 8.02 -17.51 -5.89
N ASP A 213 8.81 -18.24 -5.11
CA ASP A 213 10.28 -18.31 -5.37
C ASP A 213 10.54 -19.15 -6.60
N VAL A 214 11.72 -19.01 -7.22
CA VAL A 214 12.02 -19.83 -8.39
C VAL A 214 11.92 -21.35 -8.15
N SER A 215 12.00 -21.77 -6.88
CA SER A 215 12.00 -23.18 -6.51
C SER A 215 10.59 -23.74 -6.35
N ASP A 216 9.58 -22.86 -6.37
CA ASP A 216 8.21 -23.29 -6.43
C ASP A 216 7.85 -23.69 -7.88
N VAL A 217 7.65 -25.00 -8.08
CA VAL A 217 7.49 -25.57 -9.40
C VAL A 217 6.19 -26.36 -9.55
N GLY A 218 5.32 -26.31 -8.55
CA GLY A 218 4.13 -27.16 -8.57
C GLY A 218 4.38 -28.46 -7.80
N LEU A 219 3.38 -29.33 -7.79
CA LEU A 219 3.33 -30.46 -6.88
C LEU A 219 2.75 -31.66 -7.63
N GLY A 220 3.20 -32.86 -7.26
CA GLY A 220 2.57 -34.09 -7.69
C GLY A 220 2.67 -34.24 -9.19
N LYS A 221 1.56 -34.55 -9.85
CA LYS A 221 1.57 -34.67 -11.31
C LYS A 221 1.81 -33.34 -12.04
N GLY A 222 1.60 -32.21 -11.33
CA GLY A 222 1.94 -30.90 -11.84
C GLY A 222 3.35 -30.38 -11.58
N ARG A 223 4.22 -31.22 -11.03
CA ARG A 223 5.62 -30.84 -10.81
C ARG A 223 6.34 -30.36 -12.09
N TYR A 224 6.97 -29.18 -12.01
CA TYR A 224 7.60 -28.46 -13.14
C TYR A 224 6.65 -27.72 -14.13
N TYR A 225 5.36 -27.73 -13.82
CA TYR A 225 4.34 -27.02 -14.61
C TYR A 225 3.82 -25.78 -13.87
N SER A 226 4.61 -25.29 -12.92
CA SER A 226 4.51 -23.93 -12.40
C SER A 226 5.91 -23.28 -12.48
N VAL A 227 5.94 -22.04 -12.94
CA VAL A 227 7.18 -21.33 -13.22
C VAL A 227 7.06 -19.99 -12.53
N ASN A 228 8.05 -19.66 -11.72
CA ASN A 228 8.08 -18.41 -10.99
C ASN A 228 9.41 -17.72 -11.19
N VAL A 229 9.31 -16.42 -11.51
CA VAL A 229 10.45 -15.58 -11.81
C VAL A 229 10.46 -14.42 -10.80
N PRO A 230 11.19 -14.60 -9.70
CA PRO A 230 11.30 -13.58 -8.65
C PRO A 230 12.23 -12.43 -9.05
N ILE A 231 11.71 -11.22 -8.98
CA ILE A 231 12.38 -10.02 -9.48
C ILE A 231 12.36 -8.99 -8.40
N GLN A 232 13.42 -8.20 -8.33
CA GLN A 232 13.58 -7.15 -7.33
C GLN A 232 13.15 -5.78 -7.84
N ASP A 233 12.99 -4.83 -6.90
CA ASP A 233 12.63 -3.45 -7.21
C ASP A 233 13.53 -2.84 -8.25
N GLY A 234 12.95 -1.93 -9.05
CA GLY A 234 13.71 -1.03 -9.91
C GLY A 234 13.88 -1.50 -11.34
N ILE A 235 13.28 -2.63 -11.70
CA ILE A 235 13.45 -3.19 -13.04
C ILE A 235 12.78 -2.28 -14.05
N GLN A 236 13.48 -2.08 -15.16
CA GLN A 236 13.02 -1.23 -16.26
C GLN A 236 12.86 -2.06 -17.51
N ASP A 237 12.30 -1.45 -18.53
CA ASP A 237 11.77 -2.14 -19.69
C ASP A 237 12.70 -3.15 -20.34
N GLU A 238 13.95 -2.80 -20.62
CA GLU A 238 14.71 -3.70 -21.49
C GLU A 238 15.07 -4.99 -20.79
N LYS A 239 15.49 -4.89 -19.53
CA LYS A 239 15.89 -6.05 -18.78
C LYS A 239 14.69 -6.94 -18.42
N TYR A 240 13.52 -6.33 -18.19
CA TYR A 240 12.29 -7.08 -17.93
C TYR A 240 11.96 -7.94 -19.14
N TYR A 241 11.98 -7.31 -20.33
CA TYR A 241 11.67 -7.98 -21.58
C TYR A 241 12.67 -9.10 -21.81
N GLN A 242 13.96 -8.82 -21.62
CA GLN A 242 15.00 -9.82 -21.77
C GLN A 242 14.66 -11.07 -20.97
N ILE A 243 14.23 -10.88 -19.72
CA ILE A 243 13.87 -11.98 -18.80
C ILE A 243 12.64 -12.67 -19.31
N CYS A 244 11.62 -11.89 -19.66
CA CYS A 244 10.31 -12.42 -20.04
C CYS A 244 10.42 -13.21 -21.34
N GLU A 245 10.92 -12.58 -22.40
CA GLU A 245 11.21 -13.30 -23.65
C GLU A 245 12.00 -14.60 -23.43
N SER A 246 13.05 -14.54 -22.64
CA SER A 246 13.88 -15.72 -22.41
C SER A 246 13.11 -16.87 -21.74
N VAL A 247 12.30 -16.57 -20.73
CA VAL A 247 11.55 -17.60 -20.03
C VAL A 247 10.45 -18.16 -20.92
N LEU A 248 9.77 -17.27 -21.62
CA LEU A 248 8.66 -17.64 -22.47
C LEU A 248 9.11 -18.48 -23.67
N LYS A 249 10.25 -18.14 -24.26
CA LYS A 249 10.87 -18.95 -25.31
C LYS A 249 10.99 -20.39 -24.87
N GLU A 250 11.64 -20.58 -23.72
CA GLU A 250 11.80 -21.91 -23.13
C GLU A 250 10.46 -22.56 -22.80
N VAL A 251 9.49 -21.79 -22.34
CA VAL A 251 8.18 -22.33 -22.00
C VAL A 251 7.42 -22.78 -23.26
N TYR A 252 7.41 -21.96 -24.30
CA TYR A 252 6.71 -22.32 -25.53
C TYR A 252 7.28 -23.60 -26.16
N GLN A 253 8.59 -23.71 -26.16
CA GLN A 253 9.28 -24.88 -26.73
C GLN A 253 9.01 -26.15 -25.90
N ALA A 254 8.97 -26.00 -24.58
CA ALA A 254 8.76 -27.13 -23.69
C ALA A 254 7.30 -27.57 -23.58
N PHE A 255 6.38 -26.63 -23.54
CA PHE A 255 4.98 -26.92 -23.18
C PHE A 255 4.06 -26.92 -24.39
N ASN A 256 4.42 -26.19 -25.44
CA ASN A 256 3.62 -26.11 -26.67
C ASN A 256 2.13 -25.85 -26.36
N PRO A 257 1.82 -24.69 -25.79
CA PRO A 257 0.43 -24.40 -25.39
C PRO A 257 -0.44 -24.15 -26.62
N LYS A 258 -1.73 -24.42 -26.51
CA LYS A 258 -2.68 -24.15 -27.56
C LYS A 258 -3.60 -22.97 -27.25
N ALA A 259 -3.49 -22.42 -26.05
CA ALA A 259 -4.25 -21.23 -25.65
C ALA A 259 -3.50 -20.51 -24.54
N VAL A 260 -3.75 -19.21 -24.39
CA VAL A 260 -3.02 -18.39 -23.43
C VAL A 260 -3.99 -17.49 -22.72
N VAL A 261 -3.90 -17.43 -21.39
CA VAL A 261 -4.54 -16.39 -20.59
C VAL A 261 -3.43 -15.48 -20.10
N LEU A 262 -3.56 -14.19 -20.38
CA LEU A 262 -2.52 -13.24 -20.07
C LEU A 262 -3.06 -12.19 -19.12
N GLN A 263 -2.44 -12.11 -17.94
CA GLN A 263 -2.77 -11.11 -16.94
C GLN A 263 -1.74 -9.98 -16.96
N LEU A 264 -2.23 -8.75 -17.05
CA LEU A 264 -1.39 -7.58 -17.30
C LEU A 264 -1.63 -6.45 -16.30
N GLY A 265 -1.75 -6.78 -15.03
CA GLY A 265 -1.83 -5.77 -13.98
C GLY A 265 -0.78 -4.66 -14.15
N ALA A 266 -1.28 -3.42 -14.14
CA ALA A 266 -0.42 -2.24 -14.35
C ALA A 266 0.24 -1.69 -13.09
N ASP A 267 0.29 -2.50 -12.04
CA ASP A 267 1.00 -2.08 -10.84
C ASP A 267 2.54 -2.23 -10.93
N THR A 268 3.04 -2.61 -12.10
CA THR A 268 4.48 -2.60 -12.36
C THR A 268 4.99 -1.29 -12.93
N ILE A 269 4.07 -0.39 -13.28
CA ILE A 269 4.40 0.80 -14.10
C ILE A 269 4.89 1.92 -13.22
N ALA A 270 5.90 2.66 -13.69
CA ALA A 270 6.43 3.80 -12.92
C ALA A 270 5.31 4.74 -12.59
N GLY A 271 5.34 5.25 -11.36
CA GLY A 271 4.30 6.13 -10.81
C GLY A 271 3.27 5.42 -9.94
N ASP A 272 3.30 4.10 -9.86
CA ASP A 272 2.35 3.37 -9.04
C ASP A 272 2.74 3.57 -7.61
N PRO A 273 1.76 3.79 -6.72
CA PRO A 273 2.08 4.00 -5.30
C PRO A 273 2.77 2.82 -4.61
N MET A 274 2.70 1.63 -5.22
CA MET A 274 3.44 0.47 -4.71
C MET A 274 4.93 0.70 -4.88
N CYS A 275 5.27 1.59 -5.81
CA CYS A 275 6.62 2.08 -5.95
C CYS A 275 7.68 0.98 -5.98
N SER A 276 7.45 -0.03 -6.80
CA SER A 276 8.33 -1.20 -6.79
C SER A 276 9.09 -1.39 -8.09
N PHE A 277 8.42 -1.85 -9.14
CA PHE A 277 9.06 -1.90 -10.46
C PHE A 277 9.07 -0.49 -11.07
N ASN A 278 9.71 -0.35 -12.24
CA ASN A 278 9.89 0.94 -12.87
C ASN A 278 9.67 0.86 -14.37
N MET A 279 8.58 0.18 -14.72
CA MET A 279 8.28 -0.14 -16.09
C MET A 279 7.44 0.89 -16.76
N THR A 280 7.48 0.86 -18.08
CA THR A 280 6.54 1.61 -18.89
C THR A 280 5.73 0.61 -19.71
N PRO A 281 4.59 1.05 -20.23
CA PRO A 281 3.76 0.23 -21.12
C PRO A 281 4.46 -0.30 -22.39
N VAL A 282 5.54 0.35 -22.82
CA VAL A 282 6.27 -0.09 -24.00
C VAL A 282 6.94 -1.44 -23.77
N GLY A 283 7.64 -1.60 -22.65
CA GLY A 283 8.23 -2.89 -22.29
C GLY A 283 7.24 -4.03 -22.06
N ILE A 284 6.14 -3.76 -21.35
CA ILE A 284 5.07 -4.76 -21.22
C ILE A 284 4.53 -5.05 -22.61
N GLY A 285 4.39 -4.01 -23.42
CA GLY A 285 3.87 -4.15 -24.76
C GLY A 285 4.68 -5.12 -25.59
N LYS A 286 5.99 -5.15 -25.41
CA LYS A 286 6.84 -6.06 -26.16
C LYS A 286 6.65 -7.49 -25.67
N CYS A 287 6.47 -7.68 -24.35
CA CYS A 287 6.16 -9.01 -23.81
C CYS A 287 4.86 -9.49 -24.45
N LEU A 288 3.92 -8.57 -24.62
CA LEU A 288 2.62 -8.87 -25.17
C LEU A 288 2.73 -9.26 -26.66
N LYS A 289 3.45 -8.45 -27.46
CA LYS A 289 3.74 -8.74 -28.88
C LYS A 289 4.37 -10.11 -29.03
N TYR A 290 5.31 -10.42 -28.15
CA TYR A 290 5.95 -11.73 -28.21
C TYR A 290 4.92 -12.87 -28.01
N ILE A 291 4.01 -12.71 -27.06
CA ILE A 291 2.96 -13.72 -26.86
C ILE A 291 2.06 -13.80 -28.08
N LEU A 292 1.63 -12.67 -28.60
CA LEU A 292 0.71 -12.64 -29.74
C LEU A 292 1.30 -13.16 -31.06
N GLN A 293 2.64 -13.18 -31.19
CA GLN A 293 3.27 -13.73 -32.40
C GLN A 293 3.07 -15.27 -32.49
N TRP A 294 2.66 -15.91 -31.38
CA TRP A 294 2.34 -17.34 -31.38
C TRP A 294 1.04 -17.61 -32.08
N GLN A 295 0.24 -16.57 -32.25
CA GLN A 295 -1.09 -16.66 -32.87
C GLN A 295 -1.93 -17.79 -32.29
N LEU A 296 -2.06 -17.78 -30.96
CA LEU A 296 -2.97 -18.67 -30.28
C LEU A 296 -4.18 -17.90 -29.73
N ALA A 297 -5.23 -18.64 -29.44
CA ALA A 297 -6.37 -18.09 -28.73
C ALA A 297 -5.81 -17.40 -27.45
N THR A 298 -6.08 -16.11 -27.29
CA THR A 298 -5.51 -15.35 -26.18
C THR A 298 -6.55 -14.53 -25.44
N LEU A 299 -6.67 -14.80 -24.15
CA LEU A 299 -7.60 -14.11 -23.26
C LEU A 299 -6.80 -13.11 -22.43
N ILE A 300 -7.06 -11.82 -22.67
CA ILE A 300 -6.34 -10.71 -22.03
C ILE A 300 -7.12 -10.16 -20.83
N LEU A 301 -6.42 -10.03 -19.71
CA LEU A 301 -6.98 -9.53 -18.46
C LEU A 301 -6.10 -8.43 -17.87
N GLY A 302 -6.74 -7.56 -17.09
CA GLY A 302 -6.05 -6.54 -16.31
C GLY A 302 -5.56 -7.08 -14.98
N GLY A 303 -5.84 -6.38 -13.90
CA GLY A 303 -5.36 -6.76 -12.57
C GLY A 303 -5.06 -5.55 -11.70
N GLY A 304 -3.92 -5.53 -11.03
CA GLY A 304 -3.57 -4.37 -10.21
C GLY A 304 -3.30 -3.12 -11.03
N GLY A 305 -3.13 -2.00 -10.35
CA GLY A 305 -2.85 -0.71 -10.95
C GLY A 305 -3.57 0.37 -10.19
N TYR A 306 -2.80 1.18 -9.47
CA TYR A 306 -3.35 2.06 -8.43
C TYR A 306 -3.05 3.52 -8.64
N ASN A 307 -2.31 3.84 -9.69
CA ASN A 307 -2.29 5.19 -10.28
C ASN A 307 -3.25 5.07 -11.46
N LEU A 308 -4.43 5.65 -11.31
CA LEU A 308 -5.53 5.30 -12.18
C LEU A 308 -5.30 5.73 -13.62
N ALA A 309 -4.83 6.97 -13.79
CA ALA A 309 -4.52 7.50 -15.09
C ALA A 309 -3.38 6.69 -15.76
N ASN A 310 -2.37 6.27 -15.01
CA ASN A 310 -1.31 5.45 -15.59
C ASN A 310 -1.81 4.05 -16.03
N THR A 311 -2.74 3.49 -15.26
CA THR A 311 -3.30 2.20 -15.60
C THR A 311 -4.13 2.32 -16.90
N ALA A 312 -4.89 3.39 -17.03
CA ALA A 312 -5.65 3.60 -18.27
C ALA A 312 -4.72 3.92 -19.42
N ARG A 313 -3.65 4.67 -19.15
CA ARG A 313 -2.62 4.92 -20.16
C ARG A 313 -2.07 3.60 -20.70
N CYS A 314 -1.78 2.71 -19.76
CA CYS A 314 -1.11 1.47 -20.04
C CYS A 314 -2.02 0.56 -20.84
N TRP A 315 -3.20 0.31 -20.33
CA TRP A 315 -4.11 -0.63 -20.97
C TRP A 315 -4.66 -0.11 -22.30
N THR A 316 -4.74 1.21 -22.43
CA THR A 316 -5.13 1.83 -23.72
C THR A 316 -4.01 1.57 -24.70
N TYR A 317 -2.76 1.79 -24.27
CA TYR A 317 -1.62 1.51 -25.14
C TYR A 317 -1.61 0.07 -25.61
N LEU A 318 -1.78 -0.85 -24.66
CA LEU A 318 -1.72 -2.27 -24.93
C LEU A 318 -2.85 -2.69 -25.83
N THR A 319 -3.98 -2.00 -25.76
CA THR A 319 -5.06 -2.30 -26.70
C THR A 319 -4.61 -1.90 -28.12
N GLY A 320 -4.00 -0.72 -28.21
CA GLY A 320 -3.31 -0.30 -29.41
C GLY A 320 -2.37 -1.36 -29.96
N VAL A 321 -1.54 -1.98 -29.12
CA VAL A 321 -0.63 -2.98 -29.69
C VAL A 321 -1.37 -4.22 -30.15
N ILE A 322 -2.46 -4.57 -29.48
CA ILE A 322 -3.25 -5.72 -29.91
C ILE A 322 -3.77 -5.45 -31.33
N LEU A 323 -4.22 -4.23 -31.58
CA LEU A 323 -4.72 -3.82 -32.89
C LEU A 323 -3.64 -3.40 -33.91
N GLY A 324 -2.37 -3.47 -33.57
CA GLY A 324 -1.30 -3.06 -34.47
C GLY A 324 -1.26 -1.57 -34.78
N LYS A 325 -1.80 -0.74 -33.88
CA LYS A 325 -1.89 0.71 -34.08
C LYS A 325 -0.83 1.46 -33.28
N THR A 326 -0.40 2.59 -33.82
CA THR A 326 0.40 3.53 -33.05
C THR A 326 -0.51 4.69 -32.69
N LEU A 327 -0.49 5.08 -31.43
CA LEU A 327 -1.42 6.08 -30.92
C LEU A 327 -0.76 7.45 -30.83
N SER A 328 -1.56 8.48 -31.09
CA SER A 328 -1.11 9.83 -30.92
C SER A 328 -0.71 10.03 -29.44
N SER A 329 0.39 10.72 -29.23
CA SER A 329 0.96 10.92 -27.92
C SER A 329 0.10 11.90 -27.10
N GLU A 330 -0.65 12.75 -27.79
CA GLU A 330 -1.60 13.68 -27.17
C GLU A 330 -2.83 12.94 -26.67
N ILE A 331 -3.21 13.17 -25.40
CA ILE A 331 -4.38 12.55 -24.84
C ILE A 331 -5.63 13.29 -25.31
N PRO A 332 -6.54 12.60 -25.97
CA PRO A 332 -7.74 13.27 -26.49
C PRO A 332 -8.70 13.76 -25.41
N ASP A 333 -9.39 14.84 -25.70
CA ASP A 333 -10.40 15.36 -24.82
C ASP A 333 -11.45 14.27 -24.62
N HIS A 334 -11.88 14.10 -23.37
CA HIS A 334 -12.93 13.14 -23.04
C HIS A 334 -13.31 13.44 -21.58
N GLU A 335 -14.24 12.68 -21.01
CA GLU A 335 -14.73 12.97 -19.66
C GLU A 335 -13.64 13.13 -18.59
N PHE A 336 -12.56 12.35 -18.69
CA PHE A 336 -11.52 12.32 -17.66
C PHE A 336 -10.23 13.02 -18.03
N PHE A 337 -10.27 13.82 -19.09
CA PHE A 337 -9.07 14.50 -19.62
C PHE A 337 -8.17 15.07 -18.50
N THR A 338 -8.77 15.73 -17.52
CA THR A 338 -7.95 16.46 -16.53
C THR A 338 -7.17 15.57 -15.55
N ALA A 339 -7.49 14.28 -15.47
CA ALA A 339 -6.73 13.35 -14.64
C ALA A 339 -5.35 13.07 -15.24
N TYR A 340 -5.19 13.42 -16.52
CA TYR A 340 -3.94 13.25 -17.23
C TYR A 340 -3.03 14.49 -17.17
N GLY A 341 -3.42 15.49 -16.39
CA GLY A 341 -2.58 16.66 -16.18
C GLY A 341 -1.34 16.33 -15.37
N PRO A 342 -0.32 17.18 -15.40
CA PRO A 342 -0.31 18.44 -16.15
C PRO A 342 0.24 18.38 -17.56
N ASP A 343 0.80 17.27 -18.01
CA ASP A 343 1.40 17.18 -19.35
C ASP A 343 0.46 16.59 -20.41
N TYR A 344 -0.54 15.81 -19.99
CA TYR A 344 -1.54 15.24 -20.93
C TYR A 344 -0.94 14.44 -22.09
N VAL A 345 0.07 13.61 -21.80
CA VAL A 345 0.59 12.66 -22.80
C VAL A 345 0.35 11.20 -22.36
N LEU A 346 0.42 10.28 -23.31
CA LEU A 346 0.18 8.87 -23.08
C LEU A 346 1.44 8.15 -22.58
N GLU A 347 2.61 8.74 -22.86
CA GLU A 347 3.89 8.13 -22.51
C GLU A 347 4.13 8.28 -21.01
N ILE A 348 4.80 7.30 -20.43
CA ILE A 348 5.15 7.35 -19.02
C ILE A 348 6.65 7.31 -18.93
N THR A 349 7.18 8.10 -18.02
CA THR A 349 8.60 8.23 -17.82
C THR A 349 9.06 7.46 -16.57
N PRO A 350 10.09 6.63 -16.69
CA PRO A 350 10.63 5.94 -15.51
C PRO A 350 11.13 6.93 -14.45
N SER A 351 10.99 6.57 -13.18
CA SER A 351 11.62 7.32 -12.09
C SER A 351 13.15 7.16 -12.10
N CYS A 352 13.86 8.05 -11.41
CA CYS A 352 15.31 7.93 -11.22
C CYS A 352 15.54 7.16 -9.94
N ARG A 353 15.39 5.87 -10.07
CA ARG A 353 15.48 4.95 -8.95
C ARG A 353 16.41 3.85 -9.42
N PRO A 354 17.19 3.27 -8.52
CA PRO A 354 18.11 2.21 -8.90
C PRO A 354 17.39 0.89 -9.20
N ASP A 355 17.97 0.15 -10.12
CA ASP A 355 17.57 -1.21 -10.44
C ASP A 355 18.33 -2.12 -9.47
N ARG A 356 17.62 -2.88 -8.66
CA ARG A 356 18.26 -3.70 -7.63
C ARG A 356 18.53 -5.13 -8.09
N ASN A 357 18.19 -5.43 -9.34
CA ASN A 357 18.44 -6.74 -9.92
C ASN A 357 19.88 -6.90 -10.42
N GLU A 358 20.61 -7.79 -9.75
CA GLU A 358 21.98 -8.18 -10.13
C GLU A 358 21.89 -9.17 -11.27
N PRO A 359 22.56 -8.91 -12.39
CA PRO A 359 22.58 -9.88 -13.52
C PRO A 359 22.91 -11.34 -13.14
N HIS A 360 23.79 -11.57 -12.17
CA HIS A 360 24.12 -12.95 -11.75
C HIS A 360 22.93 -13.70 -11.19
N ARG A 361 22.10 -13.01 -10.41
CA ARG A 361 20.92 -13.66 -9.82
C ARG A 361 19.89 -13.97 -10.89
N ILE A 362 19.67 -13.01 -11.77
CA ILE A 362 18.76 -13.20 -12.90
C ILE A 362 19.16 -14.39 -13.75
N GLN A 363 20.45 -14.58 -13.94
CA GLN A 363 20.98 -15.62 -14.79
C GLN A 363 20.83 -16.94 -14.03
N GLN A 364 21.10 -16.92 -12.72
CA GLN A 364 20.80 -18.05 -11.80
C GLN A 364 19.35 -18.50 -11.94
N ILE A 365 18.43 -17.53 -11.89
CA ILE A 365 16.99 -17.82 -11.95
C ILE A 365 16.63 -18.47 -13.29
N LEU A 366 17.15 -17.90 -14.35
CA LEU A 366 16.88 -18.36 -15.71
C LEU A 366 17.40 -19.76 -15.95
N ASN A 367 18.52 -20.11 -15.32
CA ASN A 367 19.10 -21.43 -15.45
C ASN A 367 18.30 -22.44 -14.69
N TYR A 368 17.85 -22.06 -13.49
CA TYR A 368 17.04 -22.93 -12.67
C TYR A 368 15.79 -23.29 -13.47
N ILE A 369 15.24 -22.31 -14.18
CA ILE A 369 14.02 -22.48 -14.95
C ILE A 369 14.19 -23.37 -16.18
N LYS A 370 15.27 -23.16 -16.93
CA LYS A 370 15.69 -24.07 -18.03
C LYS A 370 15.80 -25.50 -17.53
N GLY A 371 16.42 -25.67 -16.36
CA GLY A 371 16.58 -26.97 -15.74
C GLY A 371 15.25 -27.61 -15.43
N ASN A 372 14.31 -26.83 -14.90
CA ASN A 372 12.98 -27.36 -14.57
C ASN A 372 12.18 -27.79 -15.78
N LEU A 373 12.38 -27.07 -16.88
CA LEU A 373 11.58 -27.21 -18.09
C LEU A 373 12.08 -28.38 -18.94
N LYS A 374 13.28 -28.87 -18.65
CA LYS A 374 13.80 -30.07 -19.29
C LYS A 374 13.03 -31.30 -18.86
N HIS A 375 12.34 -31.22 -17.74
CA HIS A 375 11.45 -32.29 -17.31
C HIS A 375 10.09 -32.32 -18.00
N VAL A 376 9.69 -31.24 -18.67
CA VAL A 376 8.32 -31.14 -19.16
C VAL A 376 8.11 -31.95 -20.43
N LEU B 14 6.17 9.69 39.36
CA LEU B 14 5.59 10.67 38.38
C LEU B 14 5.07 10.00 37.10
N VAL B 15 3.81 9.55 37.13
CA VAL B 15 3.29 8.63 36.11
C VAL B 15 3.05 9.31 34.77
N PRO B 16 3.23 8.56 33.67
CA PRO B 16 2.87 9.07 32.34
C PRO B 16 1.37 9.24 32.18
N VAL B 17 0.95 10.26 31.43
CA VAL B 17 -0.46 10.38 31.04
C VAL B 17 -0.75 9.60 29.75
N TYR B 18 -1.85 8.85 29.80
CA TYR B 18 -2.33 8.02 28.70
C TYR B 18 -3.67 8.55 28.27
N ILE B 19 -3.74 9.16 27.10
CA ILE B 19 -4.98 9.69 26.57
C ILE B 19 -5.83 8.53 26.06
N TYR B 20 -6.94 8.27 26.76
CA TYR B 20 -7.82 7.19 26.38
C TYR B 20 -9.25 7.38 26.90
N SER B 21 -10.21 7.05 26.05
CA SER B 21 -11.56 6.72 26.48
C SER B 21 -12.15 5.70 25.48
N PRO B 22 -13.18 4.94 25.87
CA PRO B 22 -13.83 4.02 24.93
C PRO B 22 -14.44 4.73 23.74
N GLU B 23 -14.96 5.94 23.95
CA GLU B 23 -15.59 6.71 22.88
C GLU B 23 -14.54 7.22 21.88
N TYR B 24 -13.36 7.60 22.39
CA TYR B 24 -12.24 8.00 21.53
C TYR B 24 -11.78 6.84 20.62
N VAL B 25 -11.62 5.64 21.17
CA VAL B 25 -11.14 4.48 20.42
C VAL B 25 -12.13 4.08 19.31
N SER B 26 -13.43 4.05 19.63
CA SER B 26 -14.44 3.73 18.62
C SER B 26 -14.36 4.73 17.49
N MET B 27 -14.21 6.02 17.80
CA MET B 27 -14.11 7.04 16.77
C MET B 27 -12.88 6.76 15.90
N CYS B 28 -11.71 6.61 16.52
CA CYS B 28 -10.49 6.35 15.80
C CYS B 28 -10.57 5.08 14.95
N ASP B 29 -11.29 4.07 15.42
CA ASP B 29 -11.49 2.80 14.66
C ASP B 29 -12.24 3.00 13.34
N SER B 30 -12.93 4.12 13.18
CA SER B 30 -13.64 4.43 11.93
C SER B 30 -12.80 4.74 10.68
N LEU B 31 -11.51 5.04 10.80
CA LEU B 31 -10.69 5.36 9.60
C LEU B 31 -10.42 4.11 8.76
N ALA B 32 -10.88 4.14 7.51
CA ALA B 32 -10.76 3.01 6.60
C ALA B 32 -9.33 2.44 6.49
N LYS B 33 -8.33 3.29 6.61
CA LYS B 33 -6.95 2.87 6.36
C LYS B 33 -6.36 1.98 7.46
N ILE B 34 -6.98 2.02 8.63
CA ILE B 34 -6.46 1.33 9.79
C ILE B 34 -7.64 0.86 10.64
N PRO B 35 -8.49 0.00 10.08
CA PRO B 35 -9.76 -0.38 10.74
C PRO B 35 -9.50 -1.18 12.00
N LYS B 36 -10.04 -0.69 13.11
CA LYS B 36 -9.88 -1.32 14.43
C LYS B 36 -8.44 -1.28 14.98
N ARG B 37 -7.53 -0.52 14.36
CA ARG B 37 -6.17 -0.48 14.84
C ARG B 37 -6.12 0.14 16.24
N ALA B 38 -6.94 1.15 16.48
CA ALA B 38 -6.95 1.80 17.79
C ALA B 38 -7.36 0.82 18.92
N ASP B 39 -8.42 0.06 18.71
CA ASP B 39 -8.88 -0.96 19.67
C ASP B 39 -7.78 -1.99 19.90
N MET B 40 -7.14 -2.44 18.83
CA MET B 40 -6.08 -3.44 18.94
C MET B 40 -4.92 -2.95 19.80
N VAL B 41 -4.52 -1.71 19.58
CA VAL B 41 -3.41 -1.10 20.29
C VAL B 41 -3.73 -0.98 21.78
N HIS B 42 -4.87 -0.37 22.08
CA HIS B 42 -5.27 -0.16 23.47
C HIS B 42 -5.50 -1.51 24.17
N SER B 43 -6.12 -2.42 23.44
CA SER B 43 -6.49 -3.71 23.96
C SER B 43 -5.27 -4.55 24.32
N LEU B 44 -4.17 -4.36 23.59
CA LEU B 44 -2.93 -5.07 23.92
C LEU B 44 -2.21 -4.41 25.11
N ILE B 45 -2.22 -3.10 25.17
CA ILE B 45 -1.69 -2.37 26.32
C ILE B 45 -2.46 -2.81 27.56
N GLU B 46 -3.78 -2.94 27.43
CA GLU B 46 -4.63 -3.40 28.54
C GLU B 46 -4.30 -4.83 28.94
N ALA B 47 -4.07 -5.70 27.97
CA ALA B 47 -3.78 -7.09 28.29
C ALA B 47 -2.45 -7.26 29.07
N TYR B 48 -1.57 -6.29 28.93
CA TYR B 48 -0.30 -6.25 29.66
C TYR B 48 -0.42 -5.43 30.96
N ALA B 49 -1.61 -4.83 31.16
CA ALA B 49 -1.99 -4.11 32.37
C ALA B 49 -1.17 -2.84 32.58
N LEU B 50 -0.68 -2.25 31.49
CA LEU B 50 0.17 -1.08 31.59
C LEU B 50 -0.65 0.21 31.82
N HIS B 51 -1.94 0.17 31.49
CA HIS B 51 -2.81 1.30 31.82
C HIS B 51 -2.92 1.56 33.35
N LYS B 52 -2.80 0.50 34.16
CA LYS B 52 -2.85 0.64 35.63
C LYS B 52 -1.63 1.42 36.15
N GLN B 53 -0.49 1.31 35.47
CA GLN B 53 0.71 2.08 35.84
C GLN B 53 0.71 3.54 35.30
N MET B 54 -0.42 3.98 34.72
CA MET B 54 -0.52 5.26 34.00
C MET B 54 -1.77 6.03 34.42
N ARG B 55 -1.75 7.36 34.26
CA ARG B 55 -2.94 8.17 34.57
C ARG B 55 -3.78 8.34 33.32
N ILE B 56 -4.93 7.70 33.33
CA ILE B 56 -5.83 7.76 32.20
C ILE B 56 -6.54 9.11 32.21
N VAL B 57 -6.60 9.76 31.05
CA VAL B 57 -7.26 11.05 30.91
C VAL B 57 -8.18 11.03 29.68
N LYS B 58 -9.46 11.30 29.88
CA LYS B 58 -10.38 11.41 28.75
C LYS B 58 -9.91 12.58 27.90
N PRO B 59 -9.82 12.41 26.57
CA PRO B 59 -9.54 13.53 25.67
C PRO B 59 -10.74 14.45 25.49
N LYS B 60 -10.51 15.75 25.44
CA LYS B 60 -11.53 16.71 25.04
C LYS B 60 -11.59 16.71 23.51
N VAL B 61 -12.75 17.09 22.96
CA VAL B 61 -12.89 17.32 21.53
C VAL B 61 -12.40 18.72 21.28
N ALA B 62 -11.73 18.90 20.16
CA ALA B 62 -11.19 20.20 19.80
C ALA B 62 -12.29 21.09 19.25
N SER B 63 -12.31 22.33 19.70
CA SER B 63 -13.24 23.31 19.21
C SER B 63 -12.74 23.87 17.89
N MET B 64 -13.63 24.54 17.18
CA MET B 64 -13.30 25.22 15.95
C MET B 64 -12.14 26.21 16.15
N GLU B 65 -12.11 26.87 17.32
CA GLU B 65 -11.14 27.92 17.56
C GLU B 65 -9.74 27.29 17.78
N GLU B 66 -9.69 26.13 18.45
CA GLU B 66 -8.44 25.38 18.63
C GLU B 66 -7.90 24.83 17.32
N MET B 67 -8.78 24.36 16.44
CA MET B 67 -8.34 23.83 15.16
C MET B 67 -7.87 24.97 14.24
N ALA B 68 -8.43 26.16 14.42
CA ALA B 68 -8.17 27.34 13.57
C ALA B 68 -6.84 28.05 13.90
N THR B 69 -6.24 27.59 14.96
CA THR B 69 -4.90 27.97 15.34
C THR B 69 -3.84 27.61 14.29
N PHE B 70 -4.10 26.52 13.55
CA PHE B 70 -3.29 26.17 12.39
C PHE B 70 -4.07 26.22 11.08
N HIS B 71 -5.23 25.57 11.07
CA HIS B 71 -6.03 25.41 9.84
C HIS B 71 -6.90 26.63 9.50
N THR B 72 -7.01 26.96 8.22
CA THR B 72 -7.82 28.10 7.81
C THR B 72 -9.30 27.82 8.07
N ASP B 73 -10.04 28.89 8.27
CA ASP B 73 -11.47 28.80 8.48
C ASP B 73 -12.19 28.15 7.31
N ALA B 74 -11.85 28.57 6.10
CA ALA B 74 -12.48 28.02 4.91
C ALA B 74 -12.25 26.50 4.81
N TYR B 75 -11.05 26.02 5.15
CA TYR B 75 -10.81 24.56 5.21
C TYR B 75 -11.68 23.82 6.24
N LEU B 76 -11.71 24.31 7.46
CA LEU B 76 -12.46 23.66 8.55
C LEU B 76 -13.99 23.65 8.34
N GLN B 77 -14.49 24.68 7.64
CA GLN B 77 -15.93 24.78 7.32
C GLN B 77 -16.30 23.84 6.15
N HIS B 78 -15.43 23.73 5.16
CA HIS B 78 -15.63 22.77 4.09
C HIS B 78 -15.62 21.37 4.66
N LEU B 79 -14.63 21.06 5.50
CA LEU B 79 -14.46 19.74 6.10
C LEU B 79 -15.67 19.33 6.91
N GLN B 80 -16.15 20.24 7.74
CA GLN B 80 -17.39 20.03 8.51
C GLN B 80 -18.59 19.80 7.57
N LYS B 81 -18.72 20.63 6.54
CA LYS B 81 -19.84 20.56 5.61
C LYS B 81 -19.86 19.21 4.90
N VAL B 82 -18.70 18.86 4.37
CA VAL B 82 -18.57 17.68 3.57
C VAL B 82 -18.66 16.43 4.45
N SER B 83 -18.31 16.58 5.72
CA SER B 83 -18.45 15.50 6.70
C SER B 83 -19.92 15.13 6.90
N GLN B 84 -20.82 16.10 6.77
CA GLN B 84 -22.26 15.89 6.98
C GLN B 84 -23.02 15.43 5.73
N GLU B 85 -22.59 15.87 4.55
CA GLU B 85 -23.39 15.73 3.32
C GLU B 85 -22.67 15.22 2.04
N GLY B 86 -21.38 14.89 2.11
CA GLY B 86 -20.59 14.57 0.93
C GLY B 86 -20.20 15.79 0.13
N ILE B 94 -11.65 17.46 -4.59
CA ILE B 94 -10.38 17.78 -5.25
C ILE B 94 -9.85 19.12 -4.74
N GLU B 95 -10.78 19.98 -4.32
CA GLU B 95 -10.42 21.16 -3.53
C GLU B 95 -10.04 20.75 -2.09
N TYR B 96 -9.02 21.43 -1.55
CA TYR B 96 -8.50 21.16 -0.20
C TYR B 96 -7.94 19.74 0.00
N GLY B 97 -7.49 19.12 -1.09
CA GLY B 97 -6.84 17.82 -1.01
C GLY B 97 -7.76 16.65 -0.65
N LEU B 98 -9.06 16.84 -0.85
CA LEU B 98 -10.07 15.84 -0.51
C LEU B 98 -10.44 15.05 -1.77
N GLY B 99 -9.82 13.90 -1.96
CA GLY B 99 -10.08 13.09 -3.12
C GLY B 99 -9.43 11.74 -3.02
N TYR B 100 -8.28 11.62 -3.68
CA TYR B 100 -7.53 10.37 -3.75
C TYR B 100 -7.39 9.64 -2.39
N ASP B 101 -6.40 10.07 -1.59
CA ASP B 101 -6.03 9.39 -0.33
C ASP B 101 -6.86 9.85 0.83
N CYS B 102 -7.48 11.00 0.67
CA CYS B 102 -8.26 11.64 1.71
C CYS B 102 -9.64 11.88 1.14
N PRO B 103 -10.39 10.80 0.89
CA PRO B 103 -11.77 10.97 0.42
C PRO B 103 -12.56 11.68 1.50
N ALA B 104 -13.44 12.58 1.09
CA ALA B 104 -14.47 13.10 1.96
C ALA B 104 -15.42 11.94 2.27
N THR B 105 -15.39 11.42 3.51
CA THR B 105 -16.36 10.40 3.92
C THR B 105 -17.25 10.98 5.00
N GLU B 106 -18.29 10.25 5.35
CA GLU B 106 -19.29 10.75 6.31
C GLU B 106 -18.76 10.58 7.74
N GLY B 107 -18.55 11.70 8.44
CA GLY B 107 -18.06 11.69 9.81
C GLY B 107 -16.59 12.07 10.06
N ILE B 108 -15.79 12.33 9.02
CA ILE B 108 -14.35 12.69 9.18
C ILE B 108 -14.04 13.91 10.02
N PHE B 109 -14.93 14.90 10.00
CA PHE B 109 -14.74 16.12 10.77
C PHE B 109 -14.70 15.83 12.25
N ASP B 110 -15.54 14.89 12.70
CA ASP B 110 -15.63 14.55 14.11
C ASP B 110 -14.43 13.68 14.50
N TYR B 111 -14.05 12.79 13.59
CA TYR B 111 -12.81 12.02 13.66
C TYR B 111 -11.56 12.95 13.82
N ALA B 112 -11.48 13.97 12.96
CA ALA B 112 -10.39 14.93 12.98
C ALA B 112 -10.33 15.64 14.31
N ALA B 113 -11.45 16.26 14.67
CA ALA B 113 -11.58 17.04 15.89
C ALA B 113 -11.25 16.24 17.15
N ALA B 114 -11.66 14.99 17.16
CA ALA B 114 -11.40 14.09 18.25
C ALA B 114 -9.88 13.80 18.37
N ILE B 115 -9.19 13.61 17.26
CA ILE B 115 -7.74 13.35 17.32
C ILE B 115 -6.98 14.61 17.70
N GLY B 116 -7.33 15.71 17.06
CA GLY B 116 -6.73 16.99 17.38
C GLY B 116 -6.95 17.34 18.83
N GLY B 117 -8.18 17.17 19.31
CA GLY B 117 -8.47 17.45 20.71
C GLY B 117 -7.66 16.59 21.66
N ALA B 118 -7.40 15.34 21.27
CA ALA B 118 -6.72 14.42 22.18
C ALA B 118 -5.28 14.81 22.30
N THR B 119 -4.71 15.34 21.23
CA THR B 119 -3.31 15.78 21.23
C THR B 119 -3.14 17.11 21.99
N ILE B 120 -4.09 18.02 21.81
CA ILE B 120 -4.08 19.28 22.56
C ILE B 120 -4.17 18.96 24.05
N THR B 121 -5.04 18.02 24.41
CA THR B 121 -5.24 17.60 25.79
C THR B 121 -3.99 17.02 26.40
N ALA B 122 -3.22 16.25 25.62
CA ALA B 122 -1.90 15.77 26.06
C ALA B 122 -0.93 16.96 26.19
N ALA B 123 -0.99 17.88 25.24
CA ALA B 123 -0.17 19.09 25.31
C ALA B 123 -0.50 19.86 26.59
N GLN B 124 -1.78 19.99 26.91
CA GLN B 124 -2.18 20.72 28.12
C GLN B 124 -1.69 20.01 29.42
N CYS B 125 -1.83 18.70 29.48
CA CYS B 125 -1.35 17.93 30.63
C CYS B 125 0.09 18.25 30.89
N LEU B 126 0.87 18.40 29.82
CA LEU B 126 2.31 18.63 29.91
C LEU B 126 2.57 20.05 30.44
N ILE B 127 1.80 21.00 29.93
CA ILE B 127 1.85 22.40 30.36
C ILE B 127 1.58 22.57 31.86
N ASP B 128 0.61 21.82 32.39
CA ASP B 128 0.14 21.96 33.77
C ASP B 128 0.95 21.14 34.76
N GLY B 129 2.08 20.58 34.34
CA GLY B 129 2.90 19.78 35.23
C GLY B 129 2.29 18.48 35.72
N MET B 130 1.15 18.10 35.15
CA MET B 130 0.50 16.82 35.47
C MET B 130 1.37 15.60 35.16
N CYS B 131 2.32 15.75 34.23
CA CYS B 131 3.20 14.66 33.84
C CYS B 131 4.44 15.18 33.13
N LYS B 132 5.44 14.31 32.99
CA LYS B 132 6.58 14.57 32.10
C LYS B 132 6.43 13.92 30.74
N VAL B 133 5.62 12.86 30.64
CA VAL B 133 5.33 12.19 29.38
C VAL B 133 3.83 12.04 29.14
N ALA B 134 3.31 12.49 28.00
CA ALA B 134 1.90 12.28 27.66
C ALA B 134 1.74 11.53 26.33
N ILE B 135 0.88 10.51 26.29
CA ILE B 135 0.76 9.61 25.13
C ILE B 135 -0.59 9.73 24.46
N ASN B 136 -0.61 10.04 23.15
CA ASN B 136 -1.78 9.86 22.28
C ASN B 136 -1.38 9.00 21.06
N TRP B 137 -1.53 7.67 21.20
CA TRP B 137 -1.12 6.73 20.17
C TRP B 137 -1.91 6.84 18.87
N SER B 138 -3.08 7.46 18.90
CA SER B 138 -3.90 7.65 17.68
C SER B 138 -3.67 8.95 16.94
N GLY B 139 -2.82 9.81 17.47
CA GLY B 139 -2.39 10.99 16.73
C GLY B 139 -1.18 10.71 15.83
N GLY B 140 -0.51 11.79 15.43
CA GLY B 140 0.64 11.73 14.57
C GLY B 140 0.35 11.97 13.10
N TRP B 141 -0.76 12.63 12.78
CA TRP B 141 -1.13 12.85 11.39
C TRP B 141 -0.38 14.04 10.76
N HIS B 142 0.86 13.73 10.40
CA HIS B 142 1.91 14.70 10.21
C HIS B 142 1.97 15.37 8.82
N HIS B 143 1.06 14.98 7.90
CA HIS B 143 1.05 15.49 6.52
C HIS B 143 0.14 16.68 6.24
N ALA B 144 -0.83 16.94 7.12
CA ALA B 144 -1.86 17.91 6.76
C ALA B 144 -1.27 19.32 6.85
N LYS B 145 -1.64 20.14 5.86
CA LYS B 145 -1.24 21.52 5.77
C LYS B 145 -2.41 22.38 6.23
N LYS B 146 -2.22 23.69 6.32
CA LYS B 146 -3.21 24.58 6.91
C LYS B 146 -4.56 24.50 6.17
N ASP B 147 -4.51 24.38 4.84
CA ASP B 147 -5.70 24.34 4.00
C ASP B 147 -5.79 23.11 3.09
N GLU B 148 -5.13 22.02 3.47
CA GLU B 148 -5.03 20.83 2.60
C GLU B 148 -4.89 19.54 3.41
N ALA B 149 -5.87 18.64 3.27
CA ALA B 149 -5.68 17.26 3.69
C ALA B 149 -4.69 16.58 2.76
N SER B 150 -4.02 15.55 3.26
CA SER B 150 -2.93 14.86 2.55
C SER B 150 -2.48 13.63 3.35
N GLY B 151 -2.22 12.53 2.62
CA GLY B 151 -1.70 11.33 3.22
C GLY B 151 -2.54 10.69 4.33
N PHE B 152 -3.85 10.62 4.12
CA PHE B 152 -4.78 10.14 5.14
C PHE B 152 -4.88 11.05 6.37
N CYS B 153 -4.29 12.25 6.31
CA CYS B 153 -4.34 13.21 7.42
C CYS B 153 -5.28 14.37 7.12
N TYR B 154 -6.37 14.48 7.86
CA TYR B 154 -7.37 15.54 7.63
C TYR B 154 -7.11 16.77 8.45
N LEU B 155 -6.35 16.60 9.52
CA LEU B 155 -5.92 17.67 10.43
C LEU B 155 -4.53 17.35 10.92
N ASN B 156 -3.73 18.38 11.20
CA ASN B 156 -2.39 18.14 11.71
C ASN B 156 -2.38 18.30 13.22
N ASP B 157 -2.58 17.19 13.93
CA ASP B 157 -2.65 17.26 15.38
C ASP B 157 -1.29 17.52 16.01
N ALA B 158 -0.23 17.04 15.38
CA ALA B 158 1.13 17.32 15.85
C ALA B 158 1.31 18.85 15.93
N VAL B 159 0.95 19.54 14.87
CA VAL B 159 1.07 21.00 14.83
C VAL B 159 0.23 21.64 15.94
N LEU B 160 -1.02 21.21 16.08
CA LEU B 160 -1.92 21.76 17.09
C LEU B 160 -1.33 21.54 18.49
N GLY B 161 -0.70 20.38 18.68
CA GLY B 161 -0.02 20.08 19.93
C GLY B 161 1.18 20.99 20.17
N ILE B 162 1.98 21.23 19.14
CA ILE B 162 3.16 22.09 19.29
C ILE B 162 2.69 23.52 19.59
N LEU B 163 1.61 23.96 18.94
CA LEU B 163 1.12 25.31 19.12
C LEU B 163 0.60 25.49 20.55
N ARG B 164 -0.03 24.46 21.11
CA ARG B 164 -0.44 24.50 22.51
C ARG B 164 0.77 24.60 23.45
N LEU B 165 1.79 23.79 23.18
CA LEU B 165 3.01 23.76 23.99
C LEU B 165 3.82 25.06 24.00
N ARG B 166 3.73 25.86 22.94
CA ARG B 166 4.38 27.17 22.82
C ARG B 166 4.16 28.07 24.01
N ARG B 167 2.91 28.07 24.48
CA ARG B 167 2.48 28.94 25.57
C ARG B 167 3.40 28.91 26.77
N LYS B 168 3.99 27.74 27.03
CA LYS B 168 4.84 27.53 28.19
C LYS B 168 6.31 27.27 27.82
N PHE B 169 6.55 26.68 26.65
CA PHE B 169 7.87 26.19 26.26
C PHE B 169 8.36 26.90 25.04
N GLU B 170 9.51 27.55 25.14
CA GLU B 170 9.87 28.49 24.10
C GLU B 170 10.61 27.90 22.94
N ARG B 171 11.24 26.75 23.16
CA ARG B 171 11.83 25.99 22.06
C ARG B 171 11.28 24.56 22.09
N ILE B 172 10.63 24.15 21.00
CA ILE B 172 10.05 22.81 20.84
C ILE B 172 10.83 22.00 19.80
N LEU B 173 11.23 20.79 20.15
CA LEU B 173 11.87 19.87 19.21
C LEU B 173 10.89 18.78 18.72
N TYR B 174 10.56 18.80 17.43
CA TYR B 174 9.72 17.78 16.82
C TYR B 174 10.60 16.70 16.17
N VAL B 175 10.44 15.46 16.59
CA VAL B 175 11.20 14.32 16.11
C VAL B 175 10.21 13.31 15.54
N ASP B 176 10.43 12.94 14.28
CA ASP B 176 9.48 12.22 13.49
C ASP B 176 10.16 10.94 12.91
N LEU B 177 9.91 9.79 13.57
CA LEU B 177 10.45 8.45 13.19
C LEU B 177 9.51 7.54 12.35
N ASP B 178 8.36 8.07 11.95
CA ASP B 178 7.55 7.44 10.92
C ASP B 178 8.40 7.18 9.68
N LEU B 179 7.99 6.20 8.87
CA LEU B 179 8.60 5.92 7.58
C LEU B 179 8.56 7.11 6.62
N HIS B 180 7.50 7.92 6.68
CA HIS B 180 7.25 9.01 5.75
C HIS B 180 7.80 10.33 6.31
N HIS B 181 8.13 11.24 5.39
CA HIS B 181 8.65 12.55 5.73
C HIS B 181 7.55 13.37 6.40
N GLY B 182 7.85 13.94 7.55
CA GLY B 182 6.90 14.78 8.26
C GLY B 182 6.86 16.15 7.66
N ASP B 183 6.31 16.23 6.46
CA ASP B 183 6.33 17.43 5.64
C ASP B 183 5.38 18.51 6.16
N GLY B 184 4.21 18.09 6.66
CA GLY B 184 3.19 19.00 7.17
C GLY B 184 3.65 19.76 8.40
N VAL B 185 4.44 19.12 9.26
CA VAL B 185 4.90 19.79 10.47
C VAL B 185 6.10 20.68 10.12
N GLU B 186 7.04 20.13 9.35
CA GLU B 186 8.17 20.90 8.82
C GLU B 186 7.69 22.21 8.19
N ASP B 187 6.70 22.11 7.30
CA ASP B 187 6.21 23.24 6.54
C ASP B 187 5.53 24.25 7.44
N ALA B 188 4.78 23.76 8.42
CA ALA B 188 4.16 24.64 9.40
C ALA B 188 5.17 25.59 10.03
N PHE B 189 6.34 25.08 10.36
CA PHE B 189 7.28 25.77 11.22
C PHE B 189 8.54 26.11 10.41
N SER B 190 8.39 26.19 9.11
CA SER B 190 9.53 26.32 8.22
C SER B 190 10.25 27.65 8.42
N PHE B 191 9.49 28.70 8.75
CA PHE B 191 10.00 30.08 8.84
C PHE B 191 10.36 30.48 10.24
N THR B 192 10.30 29.54 11.17
CA THR B 192 10.68 29.86 12.52
C THR B 192 11.80 29.01 13.06
N SER B 193 12.48 29.55 14.06
CA SER B 193 13.62 28.95 14.71
C SER B 193 13.29 28.53 16.12
N LYS B 194 12.05 28.75 16.54
CA LYS B 194 11.62 28.37 17.88
C LYS B 194 11.10 26.93 17.95
N VAL B 195 10.78 26.34 16.81
CA VAL B 195 10.43 24.92 16.72
C VAL B 195 11.38 24.30 15.71
N MET B 196 12.23 23.38 16.16
CA MET B 196 13.05 22.57 15.22
C MET B 196 12.39 21.23 14.91
N THR B 197 12.25 20.91 13.62
CA THR B 197 11.77 19.59 13.16
C THR B 197 12.87 18.66 12.66
N VAL B 198 12.86 17.41 13.14
CA VAL B 198 13.81 16.39 12.73
C VAL B 198 13.06 15.17 12.23
N SER B 199 13.17 14.86 10.95
CA SER B 199 12.54 13.70 10.37
C SER B 199 13.58 12.71 9.84
N LEU B 200 13.46 11.45 10.26
CA LEU B 200 14.11 10.33 9.60
C LEU B 200 13.05 9.60 8.78
N HIS B 201 13.30 9.41 7.48
CA HIS B 201 12.34 8.80 6.58
C HIS B 201 12.97 8.20 5.33
N LYS B 202 12.19 7.37 4.64
CA LYS B 202 12.55 6.86 3.33
C LYS B 202 12.45 7.98 2.28
N PHE B 203 13.55 8.21 1.55
CA PHE B 203 13.58 9.21 0.49
C PHE B 203 13.99 8.55 -0.82
N SER B 204 13.04 8.40 -1.72
CA SER B 204 13.26 7.70 -2.99
C SER B 204 12.22 8.18 -3.99
N PRO B 205 12.63 8.58 -5.19
CA PRO B 205 11.71 9.11 -6.19
C PRO B 205 10.51 8.19 -6.48
N GLY B 206 9.31 8.72 -6.37
CA GLY B 206 8.08 7.96 -6.45
C GLY B 206 7.48 7.65 -5.09
N PHE B 207 8.26 7.79 -4.01
CA PHE B 207 7.82 7.45 -2.65
C PHE B 207 7.26 8.64 -1.90
N PHE B 208 5.97 8.58 -1.56
CA PHE B 208 5.24 9.64 -0.85
C PHE B 208 5.95 10.17 0.40
N PRO B 209 5.92 11.49 0.62
CA PRO B 209 5.37 12.50 -0.29
C PRO B 209 6.37 13.18 -1.25
N GLY B 210 7.57 12.63 -1.40
CA GLY B 210 8.49 13.15 -2.39
C GLY B 210 9.50 14.13 -1.84
N THR B 211 9.27 14.63 -0.63
CA THR B 211 10.10 15.69 -0.06
C THR B 211 10.99 15.22 1.07
N GLY B 212 11.84 16.10 1.56
CA GLY B 212 12.65 15.83 2.73
C GLY B 212 14.06 15.34 2.44
N ASP B 213 14.70 15.93 1.42
CA ASP B 213 16.12 15.68 1.24
C ASP B 213 16.94 16.37 2.29
N VAL B 214 18.18 15.90 2.50
CA VAL B 214 19.07 16.47 3.52
C VAL B 214 19.37 17.93 3.22
N SER B 215 19.22 18.33 1.97
CA SER B 215 19.40 19.73 1.55
C SER B 215 18.20 20.63 1.90
N ASP B 216 17.07 20.01 2.26
CA ASP B 216 15.90 20.76 2.76
C ASP B 216 16.12 21.12 4.22
N VAL B 217 16.20 22.43 4.49
CA VAL B 217 16.60 22.92 5.82
C VAL B 217 15.75 24.06 6.38
N GLY B 218 14.59 24.31 5.79
CA GLY B 218 13.80 25.43 6.23
C GLY B 218 14.16 26.71 5.49
N LEU B 219 13.32 27.72 5.67
CA LEU B 219 13.40 28.97 4.94
C LEU B 219 13.54 30.14 5.90
N GLY B 220 14.21 31.19 5.42
CA GLY B 220 14.25 32.48 6.10
C GLY B 220 14.80 32.37 7.50
N LYS B 221 14.13 32.98 8.46
CA LYS B 221 14.56 32.89 9.85
C LYS B 221 14.49 31.45 10.38
N GLY B 222 13.74 30.57 9.73
CA GLY B 222 13.82 29.13 10.03
C GLY B 222 14.97 28.30 9.43
N ARG B 223 15.77 28.88 8.52
CA ARG B 223 16.91 28.19 7.88
C ARG B 223 17.85 27.46 8.86
N TYR B 224 18.10 26.17 8.60
CA TYR B 224 18.85 25.26 9.49
C TYR B 224 18.08 24.75 10.73
N TYR B 225 16.80 25.09 10.81
CA TYR B 225 15.97 24.63 11.92
C TYR B 225 14.99 23.54 11.45
N SER B 226 15.23 23.01 10.25
CA SER B 226 14.64 21.74 9.79
C SER B 226 15.79 20.76 9.47
N VAL B 227 15.73 19.56 10.03
CA VAL B 227 16.68 18.50 9.74
C VAL B 227 15.94 17.35 9.07
N ASN B 228 16.55 16.82 8.00
CA ASN B 228 16.03 15.71 7.22
C ASN B 228 17.09 14.64 6.94
N VAL B 229 16.74 13.39 7.23
CA VAL B 229 17.70 12.29 7.17
C VAL B 229 17.13 11.25 6.22
N PRO B 230 17.45 11.35 4.93
CA PRO B 230 16.91 10.44 3.93
C PRO B 230 17.59 9.07 4.02
N ILE B 231 16.79 8.02 3.95
CA ILE B 231 17.24 6.65 4.22
C ILE B 231 16.62 5.70 3.19
N GLN B 232 17.35 4.66 2.83
CA GLN B 232 16.86 3.69 1.84
C GLN B 232 16.24 2.46 2.49
N ASP B 233 15.46 1.74 1.71
CA ASP B 233 14.91 0.45 2.09
C ASP B 233 15.91 -0.42 2.84
N GLY B 234 15.41 -1.17 3.82
CA GLY B 234 16.13 -2.29 4.42
C GLY B 234 16.95 -1.94 5.64
N ILE B 235 16.82 -0.72 6.15
CA ILE B 235 17.57 -0.36 7.34
C ILE B 235 17.10 -1.16 8.55
N GLN B 236 18.05 -1.55 9.40
CA GLN B 236 17.79 -2.35 10.60
C GLN B 236 18.24 -1.59 11.83
N ASP B 237 17.93 -2.17 12.99
CA ASP B 237 17.99 -1.45 14.28
C ASP B 237 19.27 -0.67 14.56
N GLU B 238 20.41 -1.34 14.56
CA GLU B 238 21.63 -0.73 15.09
C GLU B 238 22.14 0.44 14.25
N LYS B 239 22.14 0.31 12.94
CA LYS B 239 22.46 1.42 12.05
C LYS B 239 21.44 2.55 12.15
N TYR B 240 20.17 2.21 12.37
CA TYR B 240 19.14 3.22 12.57
C TYR B 240 19.43 3.97 13.85
N TYR B 241 19.79 3.28 14.92
CA TYR B 241 20.08 3.96 16.17
C TYR B 241 21.34 4.83 16.07
N GLN B 242 22.40 4.33 15.44
CA GLN B 242 23.62 5.10 15.18
C GLN B 242 23.32 6.41 14.45
N ILE B 243 22.52 6.33 13.39
CA ILE B 243 22.10 7.52 12.65
C ILE B 243 21.34 8.53 13.52
N CYS B 244 20.34 8.05 14.24
CA CYS B 244 19.43 8.89 15.02
C CYS B 244 20.06 9.46 16.30
N GLU B 245 20.95 8.71 16.93
CA GLU B 245 21.63 9.17 18.14
C GLU B 245 22.63 10.26 17.77
N SER B 246 23.38 10.00 16.72
CA SER B 246 24.34 10.95 16.21
C SER B 246 23.66 12.29 15.95
N VAL B 247 22.53 12.26 15.25
CA VAL B 247 21.82 13.46 14.84
C VAL B 247 21.14 14.15 16.02
N LEU B 248 20.61 13.37 16.96
CA LEU B 248 19.89 13.95 18.11
C LEU B 248 20.87 14.43 19.20
N LYS B 249 22.09 13.92 19.19
CA LYS B 249 23.11 14.37 20.12
C LYS B 249 23.53 15.81 19.76
N GLU B 250 23.76 16.04 18.47
CA GLU B 250 24.16 17.34 17.96
C GLU B 250 22.98 18.33 17.97
N VAL B 251 21.77 17.82 17.70
CA VAL B 251 20.56 18.64 17.76
C VAL B 251 20.32 19.12 19.18
N TYR B 252 20.55 18.26 20.17
CA TYR B 252 20.36 18.62 21.57
C TYR B 252 21.36 19.69 22.02
N GLN B 253 22.57 19.63 21.48
CA GLN B 253 23.64 20.55 21.87
C GLN B 253 23.32 21.93 21.35
N ALA B 254 22.99 21.98 20.06
CA ALA B 254 22.77 23.24 19.35
C ALA B 254 21.45 23.87 19.74
N PHE B 255 20.36 23.13 19.58
CA PHE B 255 19.02 23.68 19.75
C PHE B 255 18.61 23.83 21.20
N ASN B 256 19.10 22.96 22.07
CA ASN B 256 18.77 23.00 23.50
C ASN B 256 17.25 23.22 23.77
N PRO B 257 16.42 22.21 23.51
CA PRO B 257 14.97 22.38 23.59
C PRO B 257 14.46 22.25 25.00
N LYS B 258 13.27 22.79 25.24
CA LYS B 258 12.60 22.75 26.52
C LYS B 258 11.45 21.73 26.53
N ALA B 259 11.00 21.32 25.35
CA ALA B 259 9.94 20.29 25.23
C ALA B 259 10.10 19.51 23.93
N VAL B 260 9.60 18.28 23.91
CA VAL B 260 9.72 17.41 22.74
C VAL B 260 8.36 16.85 22.32
N VAL B 261 8.06 16.90 21.03
CA VAL B 261 6.95 16.14 20.46
C VAL B 261 7.55 15.03 19.60
N LEU B 262 7.18 13.79 19.85
CA LEU B 262 7.81 12.63 19.24
C LEU B 262 6.80 11.72 18.54
N GLN B 263 6.92 11.62 17.21
CA GLN B 263 6.03 10.80 16.36
C GLN B 263 6.70 9.46 16.03
N LEU B 264 5.98 8.37 16.28
CA LEU B 264 6.57 7.02 16.30
C LEU B 264 5.79 6.09 15.40
N GLY B 265 5.37 6.59 14.25
CA GLY B 265 4.83 5.74 13.19
C GLY B 265 5.50 4.38 13.08
N ALA B 266 4.71 3.34 13.26
CA ALA B 266 5.22 1.98 13.23
C ALA B 266 5.28 1.39 11.81
N ASP B 267 5.13 2.22 10.78
CA ASP B 267 5.24 1.72 9.42
C ASP B 267 6.70 1.49 8.96
N THR B 268 7.65 1.66 9.88
CA THR B 268 9.04 1.27 9.65
C THR B 268 9.32 -0.17 10.05
N ILE B 269 8.35 -0.82 10.71
CA ILE B 269 8.60 -2.10 11.39
C ILE B 269 8.50 -3.26 10.40
N ALA B 270 9.50 -4.15 10.42
CA ALA B 270 9.43 -5.40 9.65
C ALA B 270 8.01 -6.02 9.64
N GLY B 271 7.55 -6.46 8.47
CA GLY B 271 6.21 -7.00 8.31
C GLY B 271 5.15 -5.98 7.98
N ASP B 272 5.51 -4.70 7.95
CA ASP B 272 4.59 -3.69 7.43
C ASP B 272 4.34 -3.91 5.95
N PRO B 273 3.10 -3.80 5.51
CA PRO B 273 2.73 -4.00 4.10
C PRO B 273 3.56 -3.14 3.11
N MET B 274 4.03 -1.99 3.59
CA MET B 274 4.86 -1.10 2.78
C MET B 274 6.29 -1.58 2.56
N CYS B 275 6.73 -2.52 3.38
CA CYS B 275 7.84 -3.38 3.05
C CYS B 275 9.07 -2.58 2.63
N SER B 276 9.39 -1.58 3.44
CA SER B 276 10.46 -0.65 3.14
C SER B 276 11.60 -0.73 4.15
N PHE B 277 11.46 -0.09 5.29
CA PHE B 277 12.45 -0.27 6.37
C PHE B 277 12.26 -1.67 6.97
N ASN B 278 13.19 -2.06 7.84
CA ASN B 278 13.22 -3.40 8.42
C ASN B 278 13.56 -3.40 9.93
N MET B 279 12.92 -2.47 10.66
CA MET B 279 13.14 -2.25 12.10
C MET B 279 12.29 -3.14 13.00
N THR B 280 12.66 -3.22 14.27
CA THR B 280 11.85 -3.82 15.31
C THR B 280 11.60 -2.77 16.34
N PRO B 281 10.59 -2.97 17.19
CA PRO B 281 10.31 -2.03 18.29
C PRO B 281 11.51 -1.79 19.20
N VAL B 282 12.41 -2.76 19.35
CA VAL B 282 13.58 -2.57 20.22
C VAL B 282 14.47 -1.41 19.76
N GLY B 283 14.66 -1.27 18.45
CA GLY B 283 15.54 -0.23 17.91
C GLY B 283 14.89 1.14 17.97
N ILE B 284 13.58 1.17 17.71
CA ILE B 284 12.85 2.42 17.90
C ILE B 284 12.91 2.78 19.39
N GLY B 285 12.81 1.76 20.24
CA GLY B 285 12.88 1.93 21.68
C GLY B 285 14.15 2.60 22.21
N LYS B 286 15.30 2.27 21.64
CA LYS B 286 16.53 2.92 22.03
C LYS B 286 16.50 4.40 21.67
N CYS B 287 15.92 4.75 20.52
CA CYS B 287 15.75 6.17 20.17
C CYS B 287 14.87 6.89 21.22
N LEU B 288 13.76 6.24 21.56
CA LEU B 288 12.83 6.74 22.55
C LEU B 288 13.54 7.02 23.86
N LYS B 289 14.31 6.03 24.32
CA LYS B 289 15.07 6.09 25.58
C LYS B 289 16.10 7.21 25.58
N TYR B 290 16.71 7.44 24.42
CA TYR B 290 17.70 8.49 24.28
C TYR B 290 17.01 9.85 24.49
N ILE B 291 15.77 9.98 24.00
CA ILE B 291 15.03 11.22 24.14
C ILE B 291 14.53 11.41 25.55
N LEU B 292 14.12 10.31 26.19
CA LEU B 292 13.58 10.39 27.54
C LEU B 292 14.70 10.71 28.54
N GLN B 293 15.91 10.21 28.29
CA GLN B 293 17.06 10.51 29.12
C GLN B 293 17.22 12.05 29.31
N TRP B 294 16.76 12.86 28.37
CA TRP B 294 16.75 14.33 28.53
C TRP B 294 15.81 14.85 29.63
N GLN B 295 14.80 14.06 29.98
CA GLN B 295 13.87 14.38 31.07
C GLN B 295 13.19 15.72 30.84
N LEU B 296 12.78 15.95 29.60
CA LEU B 296 11.97 17.10 29.22
C LEU B 296 10.52 16.70 29.09
N ALA B 297 9.63 17.68 29.08
CA ALA B 297 8.23 17.44 28.77
C ALA B 297 8.16 16.85 27.35
N THR B 298 7.49 15.70 27.22
CA THR B 298 7.51 14.89 26.01
C THR B 298 6.11 14.40 25.64
N LEU B 299 5.66 14.76 24.44
CA LEU B 299 4.36 14.36 23.95
C LEU B 299 4.61 13.24 22.93
N ILE B 300 4.14 12.05 23.25
CA ILE B 300 4.27 10.86 22.40
C ILE B 300 3.06 10.69 21.50
N LEU B 301 3.30 10.54 20.21
CA LEU B 301 2.24 10.34 19.24
C LEU B 301 2.50 9.11 18.38
N GLY B 302 1.43 8.51 17.88
CA GLY B 302 1.54 7.44 16.92
C GLY B 302 1.80 7.94 15.50
N GLY B 303 1.14 7.31 14.53
CA GLY B 303 1.21 7.69 13.13
C GLY B 303 0.88 6.52 12.25
N GLY B 304 1.63 6.37 11.17
CA GLY B 304 1.52 5.21 10.30
C GLY B 304 1.79 3.87 10.97
N GLY B 305 1.37 2.80 10.28
CA GLY B 305 1.55 1.43 10.72
C GLY B 305 0.37 0.61 10.24
N TYR B 306 0.63 -0.30 9.29
CA TYR B 306 -0.43 -0.94 8.51
C TYR B 306 -0.46 -2.46 8.66
N ASN B 307 0.48 -3.01 9.40
CA ASN B 307 0.36 -4.35 9.94
C ASN B 307 -0.17 -4.12 11.36
N LEU B 308 -1.48 -4.34 11.53
CA LEU B 308 -2.19 -3.83 12.71
C LEU B 308 -1.64 -4.46 13.98
N ALA B 309 -1.46 -5.78 13.93
CA ALA B 309 -0.97 -6.52 15.07
C ALA B 309 0.44 -6.10 15.43
N ASN B 310 1.28 -5.87 14.43
CA ASN B 310 2.66 -5.42 14.68
C ASN B 310 2.71 -4.00 15.20
N THR B 311 1.75 -3.16 14.82
CA THR B 311 1.70 -1.80 15.31
C THR B 311 1.37 -1.82 16.80
N ALA B 312 0.38 -2.64 17.18
CA ALA B 312 0.05 -2.86 18.58
C ALA B 312 1.23 -3.39 19.33
N ARG B 313 1.90 -4.40 18.77
CA ARG B 313 3.08 -4.95 19.40
C ARG B 313 4.12 -3.85 19.65
N CYS B 314 4.29 -2.97 18.67
CA CYS B 314 5.33 -1.97 18.74
C CYS B 314 5.04 -0.91 19.81
N TRP B 315 3.81 -0.38 19.82
CA TRP B 315 3.46 0.72 20.68
C TRP B 315 3.19 0.25 22.12
N THR B 316 2.96 -1.06 22.28
CA THR B 316 2.81 -1.65 23.59
C THR B 316 4.21 -1.78 24.14
N TYR B 317 5.15 -2.27 23.35
CA TYR B 317 6.53 -2.32 23.81
C TYR B 317 7.02 -0.93 24.19
N LEU B 318 6.84 0.05 23.30
CA LEU B 318 7.33 1.41 23.57
C LEU B 318 6.62 2.06 24.79
N THR B 319 5.39 1.65 25.06
CA THR B 319 4.71 2.06 26.29
C THR B 319 5.42 1.45 27.55
N GLY B 320 5.81 0.19 27.44
CA GLY B 320 6.70 -0.45 28.39
C GLY B 320 8.02 0.26 28.65
N VAL B 321 8.65 0.85 27.65
CA VAL B 321 9.97 1.44 27.89
C VAL B 321 9.80 2.81 28.55
N ILE B 322 8.71 3.49 28.24
CA ILE B 322 8.33 4.71 28.97
C ILE B 322 8.24 4.40 30.48
N LEU B 323 7.58 3.29 30.82
CA LEU B 323 7.39 2.86 32.21
C LEU B 323 8.55 2.03 32.76
N GLY B 324 9.66 1.95 32.05
CA GLY B 324 10.79 1.13 32.48
C GLY B 324 10.51 -0.34 32.78
N LYS B 325 9.33 -0.84 32.43
CA LYS B 325 8.98 -2.25 32.64
C LYS B 325 9.51 -3.07 31.48
N THR B 326 9.95 -4.28 31.77
CA THR B 326 10.20 -5.24 30.70
C THR B 326 8.98 -6.17 30.63
N LEU B 327 8.56 -6.51 29.43
CA LEU B 327 7.33 -7.26 29.23
C LEU B 327 7.65 -8.70 28.89
N SER B 328 6.73 -9.56 29.26
CA SER B 328 6.86 -10.96 28.96
C SER B 328 6.57 -11.16 27.46
N SER B 329 7.34 -12.07 26.89
CA SER B 329 7.32 -12.39 25.48
C SER B 329 5.94 -12.93 25.00
N GLU B 330 5.21 -13.70 25.83
CA GLU B 330 3.92 -14.32 25.46
C GLU B 330 2.85 -13.25 25.35
N ILE B 331 2.19 -13.18 24.19
CA ILE B 331 1.05 -12.27 24.00
C ILE B 331 -0.08 -12.86 24.83
N PRO B 332 -0.62 -12.09 25.77
CA PRO B 332 -1.75 -12.60 26.56
C PRO B 332 -2.98 -12.81 25.70
N ASP B 333 -3.83 -13.76 26.10
CA ASP B 333 -5.13 -13.91 25.51
C ASP B 333 -5.88 -12.63 25.80
N HIS B 334 -6.73 -12.23 24.87
CA HIS B 334 -7.51 -10.98 24.95
C HIS B 334 -8.29 -10.91 23.65
N GLU B 335 -9.07 -9.85 23.44
CA GLU B 335 -10.01 -9.82 22.33
C GLU B 335 -9.43 -10.17 20.95
N PHE B 336 -8.17 -9.81 20.70
CA PHE B 336 -7.54 -9.86 19.39
C PHE B 336 -6.44 -10.89 19.31
N PHE B 337 -6.44 -11.83 20.24
CA PHE B 337 -5.40 -12.85 20.35
C PHE B 337 -5.17 -13.65 19.05
N THR B 338 -6.23 -14.02 18.34
CA THR B 338 -6.07 -14.76 17.06
C THR B 338 -5.24 -14.04 16.01
N ALA B 339 -5.15 -12.72 16.11
CA ALA B 339 -4.40 -11.90 15.17
C ALA B 339 -2.88 -11.98 15.36
N TYR B 340 -2.41 -12.60 16.45
CA TYR B 340 -0.95 -12.56 16.74
C TYR B 340 -0.14 -13.78 16.28
N GLY B 341 -0.72 -14.61 15.41
CA GLY B 341 -0.02 -15.73 14.79
C GLY B 341 0.98 -15.31 13.73
N PRO B 342 1.87 -16.22 13.29
CA PRO B 342 1.89 -17.64 13.68
C PRO B 342 2.59 -17.97 15.01
N ASP B 343 3.31 -17.03 15.61
CA ASP B 343 4.11 -17.31 16.81
C ASP B 343 3.57 -16.79 18.16
N TYR B 344 2.68 -15.81 18.14
CA TYR B 344 2.02 -15.31 19.36
C TYR B 344 2.97 -14.73 20.41
N VAL B 345 4.00 -14.00 19.96
CA VAL B 345 4.95 -13.31 20.83
C VAL B 345 5.09 -11.84 20.50
N LEU B 346 5.61 -11.09 21.46
CA LEU B 346 5.73 -9.63 21.38
C LEU B 346 6.82 -9.19 20.40
N GLU B 347 7.85 -10.00 20.29
CA GLU B 347 9.01 -9.67 19.49
C GLU B 347 8.73 -9.82 18.00
N ILE B 348 9.40 -8.98 17.23
CA ILE B 348 9.34 -9.04 15.79
C ILE B 348 10.75 -9.33 15.29
N THR B 349 10.81 -10.22 14.30
CA THR B 349 12.03 -10.67 13.62
C THR B 349 12.15 -9.88 12.34
N PRO B 350 13.33 -9.33 12.05
CA PRO B 350 13.58 -8.69 10.75
C PRO B 350 13.36 -9.65 9.57
N SER B 351 12.89 -9.10 8.46
CA SER B 351 12.75 -9.82 7.20
C SER B 351 14.12 -10.09 6.58
N CYS B 352 14.28 -11.26 5.95
CA CYS B 352 15.53 -11.63 5.28
C CYS B 352 15.64 -10.92 3.94
N ARG B 353 16.19 -9.72 3.99
CA ARG B 353 16.01 -8.72 2.94
C ARG B 353 17.20 -7.78 3.05
N PRO B 354 17.79 -7.33 1.95
CA PRO B 354 18.99 -6.49 2.06
C PRO B 354 18.76 -5.03 2.53
N ASP B 355 19.73 -4.58 3.31
CA ASP B 355 19.94 -3.19 3.69
C ASP B 355 20.62 -2.43 2.53
N ARG B 356 19.89 -1.53 1.88
CA ARG B 356 20.43 -0.79 0.74
C ARG B 356 21.08 0.53 1.14
N ASN B 357 21.41 0.71 2.42
CA ASN B 357 22.11 1.91 2.89
C ASN B 357 23.64 1.74 2.98
N GLU B 358 24.34 2.32 2.01
CA GLU B 358 25.81 2.32 1.99
C GLU B 358 26.32 3.15 3.17
N PRO B 359 27.21 2.60 4.01
CA PRO B 359 27.75 3.38 5.14
C PRO B 359 28.39 4.71 4.72
N HIS B 360 28.79 4.85 3.44
CA HIS B 360 29.46 6.07 2.97
C HIS B 360 28.48 7.17 2.84
N ARG B 361 27.44 6.89 2.06
CA ARG B 361 26.35 7.82 1.89
C ARG B 361 25.78 8.28 3.24
N ILE B 362 25.62 7.35 4.18
CA ILE B 362 25.11 7.69 5.50
C ILE B 362 26.00 8.72 6.19
N GLN B 363 27.29 8.45 6.26
CA GLN B 363 28.27 9.37 6.89
C GLN B 363 28.35 10.72 6.15
N GLN B 364 28.11 10.70 4.84
CA GLN B 364 27.99 11.93 4.05
C GLN B 364 26.81 12.78 4.57
N ILE B 365 25.65 12.14 4.71
CA ILE B 365 24.42 12.78 5.21
C ILE B 365 24.62 13.36 6.61
N LEU B 366 25.23 12.58 7.50
CA LEU B 366 25.52 13.04 8.86
C LEU B 366 26.54 14.17 8.90
N ASN B 367 27.40 14.26 7.88
CA ASN B 367 28.39 15.31 7.77
C ASN B 367 27.72 16.59 7.30
N TYR B 368 26.90 16.47 6.26
CA TYR B 368 26.11 17.60 5.76
C TYR B 368 25.20 18.13 6.88
N ILE B 369 24.64 17.25 7.71
CA ILE B 369 23.72 17.65 8.79
C ILE B 369 24.46 18.37 9.88
N LYS B 370 25.57 17.78 10.32
CA LYS B 370 26.48 18.40 11.29
C LYS B 370 26.99 19.79 10.83
N GLY B 371 27.10 20.00 9.52
CA GLY B 371 27.47 21.30 8.98
C GLY B 371 26.37 22.33 9.15
N ASN B 372 25.16 21.97 8.73
CA ASN B 372 23.97 22.80 8.93
C ASN B 372 23.77 23.18 10.40
N LEU B 373 24.11 22.27 11.30
CA LEU B 373 23.76 22.42 12.71
C LEU B 373 24.69 23.37 13.42
N LYS B 374 25.86 23.64 12.83
CA LYS B 374 26.81 24.60 13.39
C LYS B 374 26.30 26.03 13.29
N HIS B 375 25.45 26.30 12.31
CA HIS B 375 24.77 27.60 12.17
C HIS B 375 23.81 27.96 13.32
N VAL B 376 23.44 26.96 14.14
CA VAL B 376 22.40 27.13 15.16
C VAL B 376 22.99 27.59 16.51
#